data_6B0H
#
_entry.id   6B0H
#
_cell.length_a   65.110
_cell.length_b   119.010
_cell.length_c   165.010
_cell.angle_alpha   90.00
_cell.angle_beta   90.00
_cell.angle_gamma   90.00
#
_symmetry.space_group_name_H-M   'P 21 21 21'
#
loop_
_entity.id
_entity.type
_entity.pdbx_description
1 polymer Pfs25
2 polymer '1262 antibody, heavy chain'
3 polymer '1262 antibody, light chain'
4 non-polymer 1,2-ETHANEDIOL
5 water water
#
loop_
_entity_poly.entity_id
_entity_poly.type
_entity_poly.pdbx_seq_one_letter_code
_entity_poly.pdbx_strand_id
1 'polypeptide(L)'
;TGAKVTVDTVCKRGFLIQMSGHLECKCENDLVLVNEETCEEKVLKCDEKTVNKPCGDFSKCIKIDGNPVSYACKCNLGYD
MVNNVCIPNECKQVTCGNGKCILDTSNPVKTGVCSCNIGKVPNVQDQNKCSKDGETKCSLKCLKEQETCKAVDGIYKCDC
KDGFIIDQESSICTGTKHHHHHH
;
I,J
2 'polypeptide(L)'
;QVQLQESGPGLVKPSGTLSLTCAVSGGSISSSHWWSWVRQPPGKGLEWVGEISLSGSTHYGPSLKSRVSISLDKSMNHFS
LRLSSVTAADTAVYYCARESRFYGAYFDYWGQGTLVTVSSASTKGPSVFPLAPSSKSTSGGTAALGCLVKDYFPEPVTVS
WNSGALTSGVHTFPAVLQSSGLYSLSSVVTVPSSSLGTQTYICNVNHKPSNTKVDKKVEPKSC
;
B,D
3 'polypeptide(L)'
;DIQLTQSPSFLSASVGDRVTITCWASQGINSYLAWYQQKPGKTPKLLIYAASTLQSGVPSRFSGSGSGTEFTLTISSLQP
EDFATYYCQQLNSYPCSFGQGTTLEIKRTVAAPSVFIFPPSDEQLKSGTASVVCLLNNFYPREAKVQWKVDNALQSGNSQ
ESVTEQDSKDSTYSLSSTLTLSKADYEKHKVYACEVTHQGLSSPVTKSFNRGEC
;
A,C
#
loop_
_chem_comp.id
_chem_comp.type
_chem_comp.name
_chem_comp.formula
EDO non-polymer 1,2-ETHANEDIOL 'C2 H6 O2'
#
# COMPACT_ATOMS: atom_id res chain seq x y z
N ALA A 3 -18.41 -15.18 -20.96
CA ALA A 3 -17.42 -14.55 -21.83
C ALA A 3 -17.55 -13.03 -21.78
N LYS A 4 -17.62 -12.41 -22.96
CA LYS A 4 -17.75 -10.96 -23.10
C LYS A 4 -19.22 -10.59 -23.26
N VAL A 5 -19.66 -9.62 -22.49
CA VAL A 5 -21.05 -9.19 -22.51
C VAL A 5 -21.27 -8.28 -23.72
N THR A 6 -22.30 -8.60 -24.50
CA THR A 6 -22.67 -7.82 -25.67
C THR A 6 -24.12 -7.39 -25.55
N VAL A 7 -24.62 -6.72 -26.60
CA VAL A 7 -26.01 -6.29 -26.60
C VAL A 7 -26.96 -7.47 -26.65
N ASP A 8 -26.47 -8.67 -26.98
CA ASP A 8 -27.27 -9.87 -27.04
C ASP A 8 -27.11 -10.77 -25.82
N THR A 9 -26.36 -10.32 -24.82
CA THR A 9 -26.22 -11.10 -23.60
C THR A 9 -27.52 -11.06 -22.80
N VAL A 10 -27.96 -12.22 -22.33
CA VAL A 10 -29.14 -12.34 -21.49
C VAL A 10 -28.66 -12.36 -20.04
N CYS A 11 -28.72 -11.22 -19.38
CA CYS A 11 -28.37 -11.12 -17.96
C CYS A 11 -29.39 -11.90 -17.14
N LYS A 12 -29.00 -13.05 -16.61
CA LYS A 12 -29.89 -13.84 -15.78
C LYS A 12 -30.06 -13.18 -14.41
N ARG A 13 -31.29 -12.75 -14.11
CA ARG A 13 -31.60 -12.02 -12.87
C ARG A 13 -30.80 -10.72 -12.77
N GLY A 14 -30.69 -10.02 -13.90
CA GLY A 14 -30.03 -8.74 -13.94
C GLY A 14 -30.45 -8.02 -15.20
N PHE A 15 -29.78 -6.89 -15.47
CA PHE A 15 -30.08 -6.09 -16.65
C PHE A 15 -28.81 -5.49 -17.22
N LEU A 16 -28.86 -5.21 -18.52
CA LEU A 16 -27.75 -4.65 -19.26
C LEU A 16 -27.58 -3.16 -18.94
N ILE A 17 -26.33 -2.74 -18.79
CA ILE A 17 -25.98 -1.32 -18.73
C ILE A 17 -24.82 -1.07 -19.68
N GLN A 18 -24.76 0.16 -20.20
CA GLN A 18 -23.72 0.53 -21.14
C GLN A 18 -22.95 1.73 -20.63
N MET A 19 -21.63 1.65 -20.67
CA MET A 19 -20.75 2.78 -20.41
C MET A 19 -19.96 3.09 -21.68
N SER A 20 -18.97 3.98 -21.56
CA SER A 20 -18.30 4.49 -22.76
C SER A 20 -17.54 3.38 -23.51
N GLY A 21 -17.07 2.36 -22.80
CA GLY A 21 -16.23 1.38 -23.46
C GLY A 21 -16.58 -0.07 -23.24
N HIS A 22 -17.77 -0.36 -22.70
CA HIS A 22 -18.17 -1.74 -22.50
C HIS A 22 -19.64 -1.79 -22.10
N LEU A 23 -20.18 -3.00 -22.10
CA LEU A 23 -21.45 -3.31 -21.48
C LEU A 23 -21.21 -4.32 -20.36
N GLU A 24 -22.09 -4.32 -19.38
CA GLU A 24 -21.98 -5.27 -18.29
C GLU A 24 -23.36 -5.50 -17.69
N CYS A 25 -23.51 -6.60 -16.97
CA CYS A 25 -24.76 -6.92 -16.31
C CYS A 25 -24.78 -6.32 -14.90
N LYS A 26 -25.89 -5.67 -14.56
CA LYS A 26 -26.13 -5.13 -13.24
C LYS A 26 -27.19 -5.99 -12.54
N CYS A 27 -26.88 -6.44 -11.33
CA CYS A 27 -27.76 -7.34 -10.62
C CYS A 27 -29.01 -6.62 -10.10
N GLU A 28 -30.06 -7.39 -9.88
CA GLU A 28 -31.29 -6.91 -9.26
C GLU A 28 -31.18 -7.02 -7.74
N ASN A 29 -32.09 -6.31 -7.06
CA ASN A 29 -32.30 -6.45 -5.60
C ASN A 29 -30.95 -6.36 -4.90
N ASP A 30 -30.63 -7.28 -3.99
CA ASP A 30 -29.32 -7.35 -3.36
C ASP A 30 -28.52 -8.54 -3.88
N LEU A 31 -28.76 -8.92 -5.13
CA LEU A 31 -28.07 -10.06 -5.71
C LEU A 31 -26.66 -9.67 -6.09
N VAL A 32 -25.80 -10.68 -6.24
CA VAL A 32 -24.40 -10.48 -6.55
C VAL A 32 -24.04 -11.30 -7.78
N LEU A 33 -22.99 -10.87 -8.46
CA LEU A 33 -22.55 -11.52 -9.69
C LEU A 33 -21.78 -12.80 -9.36
N VAL A 34 -22.21 -13.92 -9.92
CA VAL A 34 -21.41 -15.13 -9.87
C VAL A 34 -20.52 -15.24 -11.11
N ASN A 35 -20.98 -14.73 -12.25
CA ASN A 35 -20.13 -14.51 -13.42
C ASN A 35 -20.61 -13.24 -14.11
N GLU A 36 -20.12 -12.99 -15.32
CA GLU A 36 -20.40 -11.73 -15.98
C GLU A 36 -21.87 -11.54 -16.34
N GLU A 37 -22.64 -12.63 -16.45
CA GLU A 37 -24.03 -12.53 -16.89
C GLU A 37 -25.01 -13.23 -15.94
N THR A 38 -24.58 -13.63 -14.75
CA THR A 38 -25.42 -14.38 -13.83
C THR A 38 -25.38 -13.74 -12.44
N CYS A 39 -26.56 -13.54 -11.84
CA CYS A 39 -26.69 -13.03 -10.49
C CYS A 39 -27.37 -14.08 -9.61
N GLU A 40 -27.00 -14.09 -8.33
CA GLU A 40 -27.57 -15.03 -7.37
C GLU A 40 -27.67 -14.35 -6.01
N GLU A 41 -28.35 -15.01 -5.09
CA GLU A 41 -28.42 -14.51 -3.72
C GLU A 41 -27.04 -14.56 -3.07
N LYS A 42 -26.78 -13.61 -2.18
CA LYS A 42 -25.50 -13.49 -1.51
C LYS A 42 -25.60 -14.11 -0.12
N VAL A 43 -24.73 -15.07 0.17
CA VAL A 43 -24.66 -15.63 1.52
C VAL A 43 -24.05 -14.61 2.47
N LEU A 44 -24.56 -14.57 3.69
CA LEU A 44 -24.14 -13.58 4.66
C LEU A 44 -23.02 -14.08 5.57
N LYS A 45 -22.94 -15.39 5.79
CA LYS A 45 -21.89 -15.98 6.62
C LYS A 45 -21.29 -17.17 5.90
N CYS A 46 -19.97 -17.20 5.80
CA CYS A 46 -19.26 -18.29 5.16
CA CYS A 46 -19.26 -18.30 5.16
C CYS A 46 -19.00 -19.40 6.18
N ASP A 47 -19.58 -20.58 5.93
CA ASP A 47 -19.29 -21.75 6.75
C ASP A 47 -19.23 -22.96 5.82
N GLU A 48 -19.10 -24.15 6.41
CA GLU A 48 -18.99 -25.36 5.59
C GLU A 48 -20.24 -25.59 4.76
N LYS A 49 -21.38 -25.03 5.16
CA LYS A 49 -22.61 -25.16 4.39
C LYS A 49 -22.70 -24.18 3.23
N THR A 50 -21.85 -23.14 3.19
CA THR A 50 -21.91 -22.12 2.16
C THR A 50 -20.65 -22.06 1.31
N VAL A 51 -19.73 -23.01 1.48
CA VAL A 51 -18.57 -23.07 0.60
C VAL A 51 -19.04 -23.18 -0.84
N ASN A 52 -18.40 -22.43 -1.72
CA ASN A 52 -18.64 -22.34 -3.17
C ASN A 52 -19.89 -21.53 -3.49
N LYS A 53 -20.64 -21.03 -2.48
CA LYS A 53 -21.77 -20.18 -2.80
C LYS A 53 -21.34 -18.72 -2.86
N PRO A 54 -22.04 -17.89 -3.63
CA PRO A 54 -21.58 -16.51 -3.82
C PRO A 54 -21.75 -15.69 -2.56
N CYS A 55 -20.69 -14.93 -2.21
CA CYS A 55 -20.73 -14.00 -1.10
C CYS A 55 -20.47 -12.56 -1.55
N GLY A 56 -20.59 -12.31 -2.84
CA GLY A 56 -20.33 -11.00 -3.41
C GLY A 56 -20.05 -11.12 -4.89
N ASP A 57 -19.83 -9.97 -5.52
CA ASP A 57 -19.50 -9.96 -6.94
C ASP A 57 -18.15 -10.63 -7.16
N PHE A 58 -18.17 -11.74 -7.89
CA PHE A 58 -16.96 -12.50 -8.23
C PHE A 58 -16.21 -12.94 -6.97
N SER A 59 -16.96 -13.25 -5.92
CA SER A 59 -16.38 -13.82 -4.71
C SER A 59 -17.30 -14.88 -4.15
N LYS A 60 -16.72 -15.97 -3.65
CA LYS A 60 -17.50 -17.04 -3.06
C LYS A 60 -16.78 -17.52 -1.79
N CYS A 61 -17.54 -18.17 -0.92
CA CYS A 61 -16.96 -18.73 0.29
CA CYS A 61 -16.96 -18.73 0.29
C CYS A 61 -16.06 -19.91 -0.05
N ILE A 62 -14.91 -19.97 0.62
CA ILE A 62 -13.92 -21.00 0.39
C ILE A 62 -13.34 -21.44 1.72
N LYS A 63 -12.87 -22.68 1.77
CA LYS A 63 -12.17 -23.20 2.93
C LYS A 63 -10.70 -22.77 2.87
N ILE A 64 -10.19 -22.27 3.98
CA ILE A 64 -8.81 -21.80 4.08
C ILE A 64 -8.03 -22.81 4.93
N ASP A 65 -6.89 -23.26 4.40
CA ASP A 65 -6.09 -24.27 5.08
C ASP A 65 -5.52 -23.74 6.39
N GLY A 66 -5.25 -24.66 7.31
CA GLY A 66 -4.66 -24.35 8.60
C GLY A 66 -5.41 -25.03 9.73
N ASN A 67 -4.78 -24.95 10.92
CA ASN A 67 -5.42 -25.45 12.13
C ASN A 67 -5.69 -24.29 13.06
N PRO A 68 -6.95 -24.01 13.40
CA PRO A 68 -8.12 -24.65 12.79
C PRO A 68 -8.43 -24.10 11.40
N VAL A 69 -9.12 -24.88 10.55
CA VAL A 69 -9.51 -24.33 9.27
C VAL A 69 -10.54 -23.23 9.50
N SER A 70 -10.65 -22.34 8.51
CA SER A 70 -11.55 -21.20 8.56
C SER A 70 -12.35 -21.14 7.28
N TYR A 71 -13.30 -20.22 7.22
CA TYR A 71 -14.09 -19.98 6.02
C TYR A 71 -14.20 -18.48 5.80
N ALA A 72 -13.98 -18.03 4.58
CA ALA A 72 -14.01 -16.60 4.31
C ALA A 72 -14.47 -16.33 2.88
N CYS A 73 -14.87 -15.09 2.65
CA CYS A 73 -15.31 -14.61 1.35
C CYS A 73 -14.10 -14.17 0.54
N LYS A 74 -13.70 -14.99 -0.44
CA LYS A 74 -12.49 -14.74 -1.23
C LYS A 74 -12.85 -14.48 -2.69
N CYS A 75 -12.18 -13.50 -3.29
CA CYS A 75 -12.42 -13.18 -4.70
C CYS A 75 -12.00 -14.34 -5.59
N ASN A 76 -12.71 -14.48 -6.70
CA ASN A 76 -12.44 -15.57 -7.64
C ASN A 76 -11.07 -15.39 -8.28
N LEU A 77 -10.64 -16.43 -8.99
CA LEU A 77 -9.35 -16.39 -9.69
C LEU A 77 -9.34 -15.24 -10.69
N GLY A 78 -8.30 -14.41 -10.61
CA GLY A 78 -8.17 -13.24 -11.45
C GLY A 78 -8.62 -11.94 -10.82
N TYR A 79 -9.12 -11.97 -9.58
CA TYR A 79 -9.61 -10.79 -8.88
C TYR A 79 -8.92 -10.63 -7.53
N ASP A 80 -8.96 -9.40 -7.00
CA ASP A 80 -8.50 -9.14 -5.64
C ASP A 80 -9.39 -8.07 -5.02
N MET A 81 -9.43 -8.06 -3.69
CA MET A 81 -10.31 -7.18 -2.93
C MET A 81 -9.69 -5.78 -2.84
N VAL A 82 -10.37 -4.79 -3.41
CA VAL A 82 -9.94 -3.40 -3.37
C VAL A 82 -11.16 -2.53 -3.09
N ASN A 83 -11.13 -1.81 -1.98
CA ASN A 83 -12.27 -1.00 -1.54
C ASN A 83 -13.51 -1.87 -1.36
N ASN A 84 -13.31 -3.04 -0.73
CA ASN A 84 -14.37 -3.96 -0.36
C ASN A 84 -15.09 -4.58 -1.56
N VAL A 85 -14.51 -4.49 -2.76
CA VAL A 85 -15.10 -5.06 -3.96
C VAL A 85 -14.03 -5.85 -4.70
N CYS A 86 -14.42 -6.97 -5.31
CA CYS A 86 -13.51 -7.77 -6.12
C CYS A 86 -13.37 -7.14 -7.50
N ILE A 87 -12.15 -6.74 -7.84
CA ILE A 87 -11.85 -6.16 -9.14
C ILE A 87 -10.74 -6.99 -9.77
N PRO A 88 -10.62 -6.96 -11.09
CA PRO A 88 -9.56 -7.75 -11.75
C PRO A 88 -8.17 -7.31 -11.29
N ASN A 89 -7.23 -8.26 -11.35
CA ASN A 89 -5.87 -7.97 -10.93
C ASN A 89 -5.28 -6.80 -11.69
N GLU A 90 -5.61 -6.68 -12.99
CA GLU A 90 -5.07 -5.61 -13.80
C GLU A 90 -5.55 -4.23 -13.36
N CYS A 91 -6.62 -4.15 -12.57
CA CYS A 91 -7.21 -2.89 -12.16
C CYS A 91 -6.78 -2.45 -10.78
N LYS A 92 -5.79 -3.11 -10.19
CA LYS A 92 -5.49 -2.97 -8.77
C LYS A 92 -5.13 -1.53 -8.41
N GLN A 93 -4.13 -0.95 -9.07
CA GLN A 93 -3.69 0.40 -8.75
C GLN A 93 -4.30 1.45 -9.66
N VAL A 94 -5.41 1.13 -10.31
CA VAL A 94 -5.98 1.95 -11.36
C VAL A 94 -7.03 2.88 -10.77
N THR A 95 -6.99 4.15 -11.16
CA THR A 95 -8.05 5.10 -10.87
C THR A 95 -8.51 5.69 -12.19
N CYS A 96 -9.82 5.60 -12.46
CA CYS A 96 -10.38 6.07 -13.71
C CYS A 96 -11.18 7.36 -13.58
N GLY A 97 -11.44 7.83 -12.37
CA GLY A 97 -12.30 8.98 -12.20
C GLY A 97 -13.76 8.61 -12.27
N ASN A 98 -14.56 9.39 -13.00
CA ASN A 98 -15.98 9.08 -13.17
C ASN A 98 -16.15 7.93 -14.16
N GLY A 99 -15.60 6.79 -13.79
CA GLY A 99 -15.68 5.63 -14.65
C GLY A 99 -15.21 4.39 -13.91
N LYS A 100 -15.15 3.30 -14.67
CA LYS A 100 -14.80 1.98 -14.16
C LYS A 100 -13.57 1.46 -14.89
N CYS A 101 -12.79 0.62 -14.21
CA CYS A 101 -11.68 -0.07 -14.84
C CYS A 101 -12.14 -1.44 -15.31
N ILE A 102 -12.03 -1.69 -16.61
CA ILE A 102 -12.46 -2.96 -17.21
C ILE A 102 -11.25 -3.61 -17.87
N LEU A 103 -11.44 -4.80 -18.42
CA LEU A 103 -10.36 -5.54 -19.06
C LEU A 103 -10.38 -5.37 -20.58
N ASP A 104 -9.19 -5.19 -21.15
CA ASP A 104 -8.95 -5.33 -22.58
C ASP A 104 -8.37 -6.73 -22.78
N THR A 105 -9.14 -7.61 -23.41
CA THR A 105 -8.73 -8.99 -23.60
C THR A 105 -8.38 -9.30 -25.05
N SER A 106 -8.19 -8.27 -25.88
CA SER A 106 -7.90 -8.47 -27.30
C SER A 106 -6.46 -8.87 -27.58
N ASN A 107 -5.58 -8.85 -26.59
CA ASN A 107 -4.19 -9.23 -26.72
C ASN A 107 -3.84 -10.40 -25.80
N PRO A 108 -2.80 -11.16 -26.12
CA PRO A 108 -2.42 -12.27 -25.24
C PRO A 108 -2.17 -11.85 -23.81
N VAL A 109 -1.70 -10.63 -23.60
CA VAL A 109 -1.55 -10.08 -22.26
C VAL A 109 -2.76 -9.19 -22.01
N LYS A 110 -3.61 -9.63 -21.09
CA LYS A 110 -4.76 -8.83 -20.71
C LYS A 110 -4.30 -7.58 -19.96
N THR A 111 -5.01 -6.47 -20.17
CA THR A 111 -4.63 -5.21 -19.59
C THR A 111 -5.88 -4.43 -19.21
N GLY A 112 -5.75 -3.60 -18.18
CA GLY A 112 -6.87 -2.80 -17.71
C GLY A 112 -6.99 -1.49 -18.46
N VAL A 113 -8.23 -1.11 -18.78
CA VAL A 113 -8.53 0.18 -19.39
C VAL A 113 -9.68 0.81 -18.61
N CYS A 114 -9.98 2.06 -18.95
CA CYS A 114 -11.05 2.82 -18.32
C CYS A 114 -12.28 2.86 -19.21
N SER A 115 -13.45 2.71 -18.60
CA SER A 115 -14.74 2.86 -19.26
C SER A 115 -15.54 3.86 -18.43
N CYS A 116 -16.11 4.85 -19.09
CA CYS A 116 -16.55 6.06 -18.42
C CYS A 116 -18.07 6.17 -18.35
N ASN A 117 -18.53 6.97 -17.38
CA ASN A 117 -19.93 7.34 -17.35
C ASN A 117 -20.29 8.09 -18.64
N ILE A 118 -21.58 8.01 -18.99
CA ILE A 118 -22.03 8.60 -20.24
C ILE A 118 -21.81 10.10 -20.20
N GLY A 119 -21.12 10.62 -21.22
CA GLY A 119 -20.72 12.00 -21.28
C GLY A 119 -19.21 12.19 -21.21
N LYS A 120 -18.48 11.18 -20.75
CA LYS A 120 -17.03 11.23 -20.64
C LYS A 120 -16.39 10.09 -21.42
N VAL A 121 -15.14 10.32 -21.81
CA VAL A 121 -14.29 9.31 -22.45
C VAL A 121 -12.92 9.38 -21.81
N PRO A 122 -12.12 8.31 -21.94
CA PRO A 122 -10.76 8.35 -21.40
C PRO A 122 -9.96 9.51 -21.97
N ASN A 123 -9.16 10.14 -21.12
CA ASN A 123 -8.46 11.39 -21.45
C ASN A 123 -6.96 11.11 -21.47
N VAL A 124 -6.39 11.05 -22.68
CA VAL A 124 -4.96 10.78 -22.82
C VAL A 124 -4.10 11.84 -22.14
N GLN A 125 -4.63 13.05 -21.93
CA GLN A 125 -3.92 14.11 -21.23
C GLN A 125 -4.06 14.01 -19.71
N ASP A 126 -4.68 12.96 -19.18
CA ASP A 126 -4.94 12.84 -17.76
C ASP A 126 -4.84 11.38 -17.31
N GLN A 127 -3.77 10.70 -17.73
CA GLN A 127 -3.55 9.29 -17.40
C GLN A 127 -4.72 8.40 -17.81
N ASN A 128 -5.38 8.76 -18.91
CA ASN A 128 -6.54 8.03 -19.44
C ASN A 128 -7.70 7.98 -18.46
N LYS A 129 -7.76 8.90 -17.52
CA LYS A 129 -8.89 8.98 -16.61
C LYS A 129 -10.12 9.53 -17.34
N CYS A 130 -11.29 9.32 -16.75
CA CYS A 130 -12.57 9.65 -17.39
C CYS A 130 -12.94 11.12 -17.19
N SER A 131 -12.07 11.99 -17.67
CA SER A 131 -12.23 13.42 -17.47
C SER A 131 -12.52 14.21 -18.74
N LYS A 132 -12.39 13.59 -19.91
CA LYS A 132 -12.60 14.26 -21.19
C LYS A 132 -14.04 14.12 -21.66
N ASP A 133 -14.63 15.22 -22.13
CA ASP A 133 -15.99 15.18 -22.65
C ASP A 133 -16.04 14.40 -23.96
N GLY A 134 -17.04 13.53 -24.07
CA GLY A 134 -17.23 12.73 -25.26
C GLY A 134 -18.58 12.05 -25.27
N GLU A 135 -19.21 11.98 -26.43
CA GLU A 135 -20.53 11.39 -26.55
C GLU A 135 -20.42 9.89 -26.81
N THR A 136 -21.33 9.13 -26.20
CA THR A 136 -21.43 7.70 -26.44
C THR A 136 -22.83 7.39 -26.95
N LYS A 137 -22.91 6.72 -28.09
CA LYS A 137 -24.20 6.31 -28.62
C LYS A 137 -24.66 5.03 -27.94
N CYS A 138 -25.91 5.02 -27.50
CA CYS A 138 -26.45 3.87 -26.79
C CYS A 138 -26.76 2.75 -27.79
N SER A 139 -26.26 1.55 -27.52
CA SER A 139 -26.46 0.41 -28.38
C SER A 139 -27.49 -0.57 -27.85
N LEU A 140 -28.13 -0.26 -26.72
CA LEU A 140 -29.04 -1.21 -26.10
C LEU A 140 -30.28 -1.43 -26.94
N LYS A 141 -30.67 -2.69 -27.08
CA LYS A 141 -31.92 -3.06 -27.74
C LYS A 141 -32.98 -3.16 -26.66
N CYS A 142 -33.79 -2.11 -26.50
CA CYS A 142 -34.87 -2.14 -25.51
C CYS A 142 -36.13 -2.61 -26.24
N LEU A 143 -36.22 -3.94 -26.39
CA LEU A 143 -37.25 -4.56 -27.21
C LEU A 143 -38.62 -4.51 -26.56
N LYS A 144 -38.71 -4.21 -25.26
CA LYS A 144 -40.01 -4.05 -24.63
C LYS A 144 -40.72 -2.87 -25.29
N GLU A 145 -42.01 -3.07 -25.63
CA GLU A 145 -42.78 -2.09 -26.39
C GLU A 145 -42.98 -0.79 -25.65
N GLN A 146 -42.60 -0.72 -24.38
CA GLN A 146 -42.82 0.45 -23.56
C GLN A 146 -41.54 0.99 -22.93
N GLU A 147 -40.38 0.53 -23.40
CA GLU A 147 -39.10 0.96 -22.85
C GLU A 147 -38.19 1.50 -23.95
N THR A 148 -37.26 2.35 -23.54
CA THR A 148 -36.23 2.88 -24.44
C THR A 148 -34.97 3.10 -23.64
N CYS A 149 -33.86 3.29 -24.35
CA CYS A 149 -32.58 3.55 -23.68
C CYS A 149 -32.57 4.93 -23.05
N LYS A 150 -32.25 4.98 -21.76
CA LYS A 150 -32.17 6.24 -21.02
C LYS A 150 -30.87 6.31 -20.25
N ALA A 151 -30.39 7.53 -20.03
CA ALA A 151 -29.18 7.77 -19.25
C ALA A 151 -29.59 7.96 -17.79
N VAL A 152 -29.34 6.95 -16.97
CA VAL A 152 -29.74 6.96 -15.57
C VAL A 152 -28.48 6.85 -14.71
N ASP A 153 -28.21 7.88 -13.92
CA ASP A 153 -27.07 7.91 -13.00
C ASP A 153 -25.76 7.63 -13.74
N GLY A 154 -25.59 8.25 -14.91
CA GLY A 154 -24.35 8.17 -15.63
C GLY A 154 -24.13 6.91 -16.44
N ILE A 155 -25.11 6.01 -16.51
CA ILE A 155 -24.98 4.82 -17.34
C ILE A 155 -26.21 4.70 -18.22
N TYR A 156 -26.04 4.01 -19.35
CA TYR A 156 -27.15 3.72 -20.23
C TYR A 156 -27.87 2.47 -19.74
N LYS A 157 -29.19 2.48 -19.84
CA LYS A 157 -30.02 1.42 -19.28
C LYS A 157 -31.40 1.50 -19.91
N CYS A 158 -31.98 0.34 -20.22
CA CYS A 158 -33.36 0.30 -20.68
C CYS A 158 -34.29 0.67 -19.55
N ASP A 159 -35.08 1.73 -19.73
CA ASP A 159 -35.97 2.21 -18.69
C ASP A 159 -37.27 2.64 -19.35
N CYS A 160 -38.25 2.99 -18.50
CA CYS A 160 -39.54 3.42 -19.00
C CYS A 160 -39.39 4.66 -19.88
N LYS A 161 -40.20 4.73 -20.92
CA LYS A 161 -40.11 5.83 -21.88
C LYS A 161 -40.48 7.15 -21.21
N ASP A 162 -40.34 8.24 -21.98
CA ASP A 162 -40.51 9.58 -21.42
C ASP A 162 -41.93 9.82 -20.90
N GLY A 163 -42.90 8.97 -21.26
CA GLY A 163 -44.26 9.15 -20.80
C GLY A 163 -44.85 7.93 -20.12
N PHE A 164 -44.06 7.25 -19.31
CA PHE A 164 -44.54 6.10 -18.54
C PHE A 164 -43.69 5.97 -17.29
N ILE A 165 -44.17 5.16 -16.34
CA ILE A 165 -43.50 5.01 -15.05
C ILE A 165 -43.80 3.66 -14.44
N ILE A 166 -42.75 2.88 -14.17
CA ILE A 166 -42.85 1.58 -13.50
C ILE A 166 -43.89 0.67 -14.13
N SER A 171 -45.24 -5.19 -13.25
CA SER A 171 -43.83 -4.87 -13.41
C SER A 171 -43.57 -4.20 -14.76
N ILE A 172 -44.64 -4.00 -15.52
CA ILE A 172 -44.56 -3.40 -16.85
C ILE A 172 -44.54 -1.88 -16.73
N CYS A 173 -43.76 -1.23 -17.60
CA CYS A 173 -43.72 0.23 -17.66
C CYS A 173 -45.08 0.76 -18.12
N THR A 174 -45.84 1.35 -17.21
CA THR A 174 -47.14 1.91 -17.54
C THR A 174 -47.37 3.26 -16.87
N LYS B 4 -5.12 30.84 2.92
CA LYS B 4 -6.37 30.43 2.31
C LYS B 4 -6.61 31.20 1.01
N VAL B 5 -6.84 30.48 -0.08
CA VAL B 5 -7.05 31.11 -1.39
C VAL B 5 -8.48 31.61 -1.50
N THR B 6 -8.63 32.88 -1.87
CA THR B 6 -9.93 33.48 -2.13
C THR B 6 -9.92 34.13 -3.50
N VAL B 7 -11.04 34.76 -3.86
CA VAL B 7 -11.11 35.44 -5.15
C VAL B 7 -10.20 36.66 -5.19
N ASP B 8 -9.72 37.12 -4.05
CA ASP B 8 -8.84 38.28 -3.96
C ASP B 8 -7.38 37.90 -3.78
N THR B 9 -7.06 36.61 -3.86
CA THR B 9 -5.68 36.18 -3.74
C THR B 9 -4.87 36.58 -4.97
N VAL B 10 -3.68 37.10 -4.72
CA VAL B 10 -2.75 37.47 -5.80
C VAL B 10 -1.80 36.29 -5.97
N CYS B 11 -2.09 35.43 -6.94
CA CYS B 11 -1.18 34.33 -7.25
C CYS B 11 0.11 34.90 -7.81
N LYS B 12 1.18 34.81 -7.03
CA LYS B 12 2.47 35.30 -7.50
C LYS B 12 3.02 34.33 -8.54
N ARG B 13 3.16 34.82 -9.78
CA ARG B 13 3.59 34.01 -10.93
C ARG B 13 2.65 32.83 -11.16
N GLY B 14 1.35 33.10 -11.05
CA GLY B 14 0.34 32.11 -11.31
C GLY B 14 -0.99 32.78 -11.59
N PHE B 15 -2.05 31.96 -11.66
CA PHE B 15 -3.39 32.49 -11.92
C PHE B 15 -4.41 31.69 -11.13
N LEU B 16 -5.54 32.34 -10.86
CA LEU B 16 -6.62 31.72 -10.08
C LEU B 16 -7.39 30.70 -10.91
N ILE B 17 -7.71 29.57 -10.30
CA ILE B 17 -8.66 28.64 -10.88
C ILE B 17 -9.69 28.28 -9.81
N GLN B 18 -10.90 27.97 -10.26
CA GLN B 18 -11.99 27.63 -9.36
C GLN B 18 -12.50 26.25 -9.72
N MET B 19 -12.69 25.41 -8.71
CA MET B 19 -13.35 24.12 -8.84
C MET B 19 -14.62 24.16 -8.01
N SER B 20 -15.27 23.00 -7.84
CA SER B 20 -16.60 22.98 -7.25
C SER B 20 -16.58 23.47 -5.80
N GLY B 21 -15.50 23.24 -5.07
CA GLY B 21 -15.47 23.55 -3.65
C GLY B 21 -14.29 24.34 -3.13
N HIS B 22 -13.51 24.95 -4.03
CA HIS B 22 -12.36 25.74 -3.61
C HIS B 22 -11.81 26.53 -4.79
N LEU B 23 -10.93 27.46 -4.48
CA LEU B 23 -10.08 28.14 -5.45
C LEU B 23 -8.63 27.83 -5.12
N GLU B 24 -7.77 27.87 -6.13
CA GLU B 24 -6.36 27.61 -5.91
C GLU B 24 -5.55 28.30 -7.01
N CYS B 25 -4.27 28.47 -6.75
CA CYS B 25 -3.37 29.05 -7.73
C CYS B 25 -2.76 27.95 -8.59
N LYS B 26 -2.75 28.18 -9.90
CA LYS B 26 -2.11 27.32 -10.88
C LYS B 26 -0.84 27.99 -11.35
N CYS B 27 0.26 27.25 -11.33
CA CYS B 27 1.55 27.84 -11.71
C CYS B 27 1.67 28.00 -13.22
N GLU B 28 2.48 28.97 -13.60
CA GLU B 28 2.84 29.24 -15.00
C GLU B 28 4.05 28.42 -15.40
N ASN B 29 4.31 28.38 -16.71
CA ASN B 29 5.54 27.82 -17.30
C ASN B 29 5.76 26.42 -16.72
N ASP B 30 6.96 26.09 -16.27
CA ASP B 30 7.22 24.85 -15.55
C ASP B 30 7.47 25.13 -14.07
N LEU B 31 6.81 26.17 -13.54
CA LEU B 31 7.00 26.59 -12.16
C LEU B 31 6.24 25.68 -11.19
N VAL B 32 6.67 25.71 -9.93
CA VAL B 32 6.11 24.88 -8.87
C VAL B 32 5.69 25.75 -7.69
N LEU B 33 4.75 25.23 -6.91
CA LEU B 33 4.20 25.95 -5.77
C LEU B 33 5.17 25.94 -4.59
N VAL B 34 5.50 27.13 -4.09
CA VAL B 34 6.23 27.24 -2.84
C VAL B 34 5.29 27.39 -1.66
N ASN B 35 4.16 28.07 -1.86
CA ASN B 35 3.04 28.05 -0.92
C ASN B 35 1.76 28.10 -1.74
N GLU B 36 0.63 28.35 -1.07
CA GLU B 36 -0.65 28.28 -1.75
C GLU B 36 -0.81 29.36 -2.82
N GLU B 37 -0.03 30.45 -2.76
CA GLU B 37 -0.19 31.54 -3.69
C GLU B 37 1.11 31.98 -4.38
N THR B 38 2.18 31.20 -4.26
CA THR B 38 3.47 31.60 -4.82
C THR B 38 4.05 30.45 -5.67
N CYS B 39 4.53 30.79 -6.86
CA CYS B 39 5.22 29.86 -7.74
C CYS B 39 6.64 30.32 -7.95
N GLU B 40 7.55 29.36 -8.14
CA GLU B 40 8.96 29.65 -8.36
C GLU B 40 9.52 28.59 -9.30
N GLU B 41 10.74 28.84 -9.77
CA GLU B 41 11.43 27.86 -10.60
C GLU B 41 11.67 26.58 -9.81
N LYS B 42 11.72 25.47 -10.53
CA LYS B 42 11.88 24.14 -9.95
C LYS B 42 13.34 23.75 -10.02
N VAL B 43 13.92 23.41 -8.87
CA VAL B 43 15.28 22.86 -8.86
C VAL B 43 15.24 21.45 -9.40
N LEU B 44 16.23 21.11 -10.24
CA LEU B 44 16.25 19.80 -10.89
C LEU B 44 17.15 18.79 -10.20
N LYS B 45 18.19 19.24 -9.50
CA LYS B 45 19.09 18.35 -8.76
C LYS B 45 19.30 18.95 -7.38
N CYS B 46 18.91 18.20 -6.36
CA CYS B 46 19.11 18.64 -4.97
CA CYS B 46 19.11 18.64 -4.97
C CYS B 46 20.56 18.44 -4.57
N ASP B 47 21.21 19.51 -4.14
CA ASP B 47 22.55 19.43 -3.59
C ASP B 47 22.67 20.48 -2.50
N GLU B 48 23.89 20.65 -1.96
CA GLU B 48 24.08 21.61 -0.88
C GLU B 48 23.81 23.04 -1.31
N LYS B 49 23.90 23.33 -2.61
CA LYS B 49 23.59 24.67 -3.10
C LYS B 49 22.10 24.90 -3.33
N THR B 50 21.28 23.84 -3.29
CA THR B 50 19.85 23.98 -3.54
C THR B 50 19.00 23.59 -2.33
N VAL B 51 19.62 23.30 -1.18
CA VAL B 51 18.85 23.03 0.02
C VAL B 51 17.97 24.22 0.35
N ASN B 52 16.72 23.94 0.73
CA ASN B 52 15.65 24.87 1.09
C ASN B 52 15.03 25.54 -0.13
N LYS B 53 15.49 25.23 -1.36
CA LYS B 53 14.87 25.74 -2.58
C LYS B 53 13.81 24.75 -3.08
N PRO B 54 12.78 25.24 -3.78
CA PRO B 54 11.68 24.36 -4.19
C PRO B 54 12.10 23.40 -5.29
N CYS B 55 11.75 22.12 -5.12
CA CYS B 55 11.99 21.08 -6.11
C CYS B 55 10.69 20.46 -6.62
N GLY B 56 9.58 21.12 -6.40
CA GLY B 56 8.28 20.61 -6.80
C GLY B 56 7.20 21.29 -6.00
N ASP B 57 5.96 20.90 -6.29
CA ASP B 57 4.83 21.45 -5.55
C ASP B 57 4.91 21.00 -4.10
N PHE B 58 5.07 21.97 -3.19
CA PHE B 58 5.12 21.72 -1.75
C PHE B 58 6.23 20.74 -1.38
N SER B 59 7.36 20.85 -2.07
CA SER B 59 8.54 20.04 -1.78
C SER B 59 9.79 20.90 -1.96
N LYS B 60 10.78 20.65 -1.11
CA LYS B 60 12.03 21.39 -1.12
C LYS B 60 13.19 20.41 -1.01
N CYS B 61 14.37 20.87 -1.43
CA CYS B 61 15.58 20.07 -1.26
CA CYS B 61 15.59 20.08 -1.26
C CYS B 61 16.02 20.15 0.20
N ILE B 62 16.14 19.00 0.83
CA ILE B 62 16.54 18.93 2.23
C ILE B 62 17.79 18.07 2.32
N LYS B 63 18.63 18.37 3.30
CA LYS B 63 19.76 17.51 3.62
C LYS B 63 19.27 16.38 4.52
N ILE B 64 19.64 15.15 4.17
CA ILE B 64 19.21 13.97 4.90
C ILE B 64 20.38 13.45 5.72
N ASP B 65 20.15 13.28 7.02
CA ASP B 65 21.20 12.86 7.94
C ASP B 65 21.69 11.45 7.62
N GLY B 66 22.93 11.18 7.98
CA GLY B 66 23.53 9.87 7.78
C GLY B 66 24.92 9.97 7.19
N ASN B 67 25.60 8.83 7.18
CA ASN B 67 26.90 8.71 6.59
C ASN B 67 26.85 7.78 5.38
N PRO B 68 27.15 8.26 4.16
CA PRO B 68 27.34 9.68 3.84
C PRO B 68 26.01 10.43 3.75
N VAL B 69 26.02 11.75 3.98
CA VAL B 69 24.79 12.49 3.85
C VAL B 69 24.37 12.55 2.38
N SER B 70 23.08 12.78 2.17
CA SER B 70 22.51 12.86 0.82
C SER B 70 21.62 14.10 0.75
N TYR B 71 21.10 14.35 -0.44
CA TYR B 71 20.15 15.42 -0.66
C TYR B 71 19.02 14.89 -1.53
N ALA B 72 17.79 15.19 -1.16
CA ALA B 72 16.66 14.69 -1.92
C ALA B 72 15.50 15.67 -1.84
N CYS B 73 14.57 15.49 -2.76
CA CYS B 73 13.35 16.29 -2.84
C CYS B 73 12.31 15.68 -1.91
N LYS B 74 12.08 16.32 -0.77
CA LYS B 74 11.15 15.82 0.24
C LYS B 74 9.96 16.75 0.35
N CYS B 75 8.76 16.16 0.45
CA CYS B 75 7.55 16.95 0.59
C CYS B 75 7.55 17.71 1.91
N ASN B 76 6.94 18.89 1.90
CA ASN B 76 6.90 19.75 3.07
C ASN B 76 6.12 19.07 4.20
N LEU B 77 6.21 19.66 5.39
CA LEU B 77 5.51 19.14 6.55
C LEU B 77 4.01 19.14 6.31
N GLY B 78 3.38 17.99 6.53
CA GLY B 78 1.97 17.84 6.26
C GLY B 78 1.63 17.23 4.93
N TYR B 79 2.63 16.91 4.11
CA TYR B 79 2.41 16.34 2.78
C TYR B 79 3.20 15.04 2.66
N ASP B 80 2.81 14.22 1.68
CA ASP B 80 3.55 13.01 1.34
C ASP B 80 3.49 12.80 -0.17
N MET B 81 4.46 12.03 -0.67
CA MET B 81 4.58 11.77 -2.11
C MET B 81 3.63 10.66 -2.52
N VAL B 82 2.67 10.97 -3.39
CA VAL B 82 1.70 10.01 -3.88
C VAL B 82 1.50 10.24 -5.38
N ASN B 83 1.82 9.24 -6.19
CA ASN B 83 1.73 9.33 -7.66
C ASN B 83 2.58 10.49 -8.17
N ASN B 84 3.81 10.57 -7.65
CA ASN B 84 4.85 11.51 -8.07
C ASN B 84 4.51 12.97 -7.77
N VAL B 85 3.49 13.24 -6.96
CA VAL B 85 3.11 14.60 -6.58
C VAL B 85 2.91 14.62 -5.07
N CYS B 86 3.28 15.74 -4.43
CA CYS B 86 3.08 15.91 -2.99
C CYS B 86 1.64 16.29 -2.71
N ILE B 87 0.93 15.46 -1.96
CA ILE B 87 -0.47 15.73 -1.61
C ILE B 87 -0.57 15.73 -0.10
N PRO B 88 -1.60 16.39 0.47
CA PRO B 88 -1.71 16.44 1.93
C PRO B 88 -1.84 15.05 2.51
N ASN B 89 -1.38 14.90 3.76
CA ASN B 89 -1.46 13.61 4.42
C ASN B 89 -2.90 13.13 4.50
N GLU B 90 -3.85 14.04 4.70
CA GLU B 90 -5.24 13.66 4.79
C GLU B 90 -5.78 13.09 3.49
N CYS B 91 -5.07 13.31 2.37
CA CYS B 91 -5.54 12.90 1.06
C CYS B 91 -4.90 11.61 0.56
N LYS B 92 -4.18 10.88 1.42
CA LYS B 92 -3.31 9.79 0.95
C LYS B 92 -4.11 8.70 0.23
N GLN B 93 -5.11 8.14 0.90
CA GLN B 93 -5.88 7.04 0.34
C GLN B 93 -7.19 7.49 -0.31
N VAL B 94 -7.28 8.76 -0.68
CA VAL B 94 -8.54 9.35 -1.14
C VAL B 94 -8.60 9.27 -2.66
N THR B 95 -9.76 8.89 -3.18
CA THR B 95 -10.07 9.00 -4.60
C THR B 95 -11.33 9.84 -4.73
N CYS B 96 -11.26 10.92 -5.51
CA CYS B 96 -12.40 11.81 -5.69
C CYS B 96 -13.05 11.67 -7.06
N GLY B 97 -12.45 10.90 -7.97
CA GLY B 97 -12.99 10.82 -9.32
C GLY B 97 -12.54 12.02 -10.11
N ASN B 98 -13.46 12.63 -10.85
CA ASN B 98 -13.15 13.82 -11.65
C ASN B 98 -13.03 15.06 -10.76
N GLY B 99 -12.04 15.02 -9.89
CA GLY B 99 -11.82 16.12 -8.97
C GLY B 99 -10.51 15.96 -8.22
N LYS B 100 -10.32 16.84 -7.25
CA LYS B 100 -9.12 16.87 -6.42
C LYS B 100 -9.53 16.66 -4.97
N CYS B 101 -8.58 16.15 -4.18
CA CYS B 101 -8.74 16.09 -2.74
C CYS B 101 -8.08 17.33 -2.15
N ILE B 102 -8.87 18.13 -1.44
CA ILE B 102 -8.38 19.35 -0.81
C ILE B 102 -8.60 19.21 0.70
N LEU B 103 -8.10 20.19 1.44
CA LEU B 103 -8.20 20.17 2.89
C LEU B 103 -9.32 21.07 3.35
N ASP B 104 -10.09 20.59 4.32
CA ASP B 104 -11.01 21.41 5.10
C ASP B 104 -10.29 21.76 6.39
N THR B 105 -9.92 23.02 6.56
CA THR B 105 -9.13 23.48 7.70
C THR B 105 -9.95 24.32 8.67
N SER B 106 -11.27 24.33 8.54
CA SER B 106 -12.11 25.16 9.41
C SER B 106 -12.31 24.56 10.80
N ASN B 107 -11.88 23.32 11.03
CA ASN B 107 -11.99 22.66 12.31
C ASN B 107 -10.61 22.33 12.85
N PRO B 108 -10.47 22.16 14.18
CA PRO B 108 -9.14 21.87 14.74
C PRO B 108 -8.46 20.66 14.13
N VAL B 109 -9.23 19.66 13.70
CA VAL B 109 -8.67 18.50 12.99
C VAL B 109 -8.90 18.74 11.50
N LYS B 110 -7.82 19.00 10.77
CA LYS B 110 -7.92 19.17 9.33
C LYS B 110 -8.32 17.84 8.69
N THR B 111 -9.13 17.92 7.64
CA THR B 111 -9.65 16.72 7.00
C THR B 111 -9.71 16.92 5.50
N GLY B 112 -9.58 15.82 4.75
CA GLY B 112 -9.64 15.86 3.31
C GLY B 112 -11.07 15.78 2.82
N VAL B 113 -11.39 16.61 1.81
CA VAL B 113 -12.68 16.58 1.13
C VAL B 113 -12.43 16.60 -0.37
N CYS B 114 -13.50 16.43 -1.14
CA CYS B 114 -13.40 16.42 -2.59
C CYS B 114 -13.90 17.73 -3.18
N SER B 115 -13.17 18.23 -4.18
CA SER B 115 -13.57 19.40 -4.96
C SER B 115 -13.53 19.01 -6.44
N CYS B 116 -14.59 19.32 -7.17
CA CYS B 116 -14.86 18.67 -8.44
C CYS B 116 -14.64 19.61 -9.63
N ASN B 117 -14.41 18.99 -10.79
CA ASN B 117 -14.42 19.73 -12.04
C ASN B 117 -15.80 20.36 -12.26
N ILE B 118 -15.81 21.45 -13.03
CA ILE B 118 -17.04 22.20 -13.23
C ILE B 118 -18.08 21.30 -13.88
N GLY B 119 -19.26 21.21 -13.25
CA GLY B 119 -20.31 20.34 -13.70
C GLY B 119 -20.62 19.21 -12.74
N LYS B 120 -19.71 18.90 -11.82
CA LYS B 120 -19.88 17.82 -10.87
C LYS B 120 -19.78 18.34 -9.45
N VAL B 121 -20.39 17.62 -8.52
CA VAL B 121 -20.30 17.90 -7.10
C VAL B 121 -20.09 16.60 -6.34
N PRO B 122 -19.57 16.67 -5.12
CA PRO B 122 -19.40 15.43 -4.33
C PRO B 122 -20.72 14.70 -4.17
N ASN B 123 -20.65 13.38 -4.27
CA ASN B 123 -21.83 12.51 -4.33
C ASN B 123 -21.87 11.65 -3.09
N VAL B 124 -22.77 11.98 -2.15
CA VAL B 124 -22.87 11.24 -0.90
C VAL B 124 -23.22 9.78 -1.13
N GLN B 125 -23.84 9.45 -2.26
CA GLN B 125 -24.16 8.08 -2.61
C GLN B 125 -22.99 7.35 -3.28
N ASP B 126 -21.82 7.98 -3.33
CA ASP B 126 -20.66 7.40 -4.00
C ASP B 126 -19.38 7.80 -3.29
N GLN B 127 -19.37 7.65 -1.96
CA GLN B 127 -18.19 7.97 -1.14
C GLN B 127 -17.72 9.41 -1.36
N ASN B 128 -18.67 10.31 -1.60
CA ASN B 128 -18.42 11.73 -1.83
C ASN B 128 -17.53 11.98 -3.05
N LYS B 129 -17.45 11.02 -3.97
CA LYS B 129 -16.70 11.25 -5.19
C LYS B 129 -17.46 12.21 -6.11
N CYS B 130 -16.72 12.74 -7.08
CA CYS B 130 -17.24 13.79 -7.97
C CYS B 130 -18.04 13.19 -9.12
N SER B 131 -19.11 12.47 -8.76
CA SER B 131 -19.92 11.78 -9.74
C SER B 131 -21.34 12.33 -9.85
N LYS B 132 -21.76 13.20 -8.93
CA LYS B 132 -23.11 13.75 -8.95
C LYS B 132 -23.11 15.06 -9.73
N ASP B 133 -24.07 15.21 -10.64
CA ASP B 133 -24.17 16.43 -11.43
C ASP B 133 -24.58 17.59 -10.54
N GLY B 134 -23.89 18.71 -10.70
CA GLY B 134 -24.18 19.91 -9.94
C GLY B 134 -23.49 21.11 -10.53
N GLU B 135 -24.17 22.26 -10.54
CA GLU B 135 -23.62 23.45 -11.15
C GLU B 135 -22.83 24.27 -10.14
N THR B 136 -21.73 24.87 -10.60
CA THR B 136 -20.94 25.80 -9.81
C THR B 136 -20.92 27.14 -10.54
N LYS B 137 -21.33 28.20 -9.86
CA LYS B 137 -21.27 29.54 -10.44
C LYS B 137 -19.88 30.12 -10.22
N CYS B 138 -19.31 30.68 -11.29
CA CYS B 138 -17.95 31.22 -11.22
C CYS B 138 -17.93 32.55 -10.47
N SER B 139 -17.05 32.64 -9.48
CA SER B 139 -16.89 33.86 -8.69
C SER B 139 -15.64 34.64 -9.05
N LEU B 140 -14.88 34.19 -10.05
CA LEU B 140 -13.62 34.84 -10.39
C LEU B 140 -13.84 36.25 -10.92
N LYS B 141 -13.03 37.19 -10.44
CA LYS B 141 -13.03 38.55 -10.94
C LYS B 141 -11.96 38.67 -12.02
N CYS B 142 -12.38 38.64 -13.28
CA CYS B 142 -11.46 38.77 -14.39
C CYS B 142 -11.39 40.24 -14.83
N LEU B 143 -10.60 41.01 -14.07
CA LEU B 143 -10.54 42.45 -14.27
C LEU B 143 -9.73 42.86 -15.50
N LYS B 144 -8.90 41.95 -16.03
CA LYS B 144 -8.14 42.26 -17.23
C LYS B 144 -9.08 42.48 -18.41
N GLU B 145 -8.78 43.49 -19.22
CA GLU B 145 -9.66 43.85 -20.33
C GLU B 145 -9.69 42.72 -21.36
N GLN B 146 -10.86 42.57 -22.00
CA GLN B 146 -11.13 41.51 -22.96
C GLN B 146 -11.11 40.11 -22.35
N GLU B 147 -11.22 39.99 -21.02
CA GLU B 147 -11.20 38.68 -20.37
C GLU B 147 -12.48 38.45 -19.57
N THR B 148 -12.86 37.18 -19.46
CA THR B 148 -14.00 36.77 -18.67
C THR B 148 -13.75 35.36 -18.13
N CYS B 149 -14.56 34.96 -17.16
CA CYS B 149 -14.44 33.62 -16.62
C CYS B 149 -14.92 32.59 -17.63
N LYS B 150 -14.07 31.61 -17.94
CA LYS B 150 -14.38 30.56 -18.90
C LYS B 150 -14.08 29.20 -18.29
N ALA B 151 -14.81 28.18 -18.76
CA ALA B 151 -14.63 26.80 -18.31
C ALA B 151 -13.64 26.11 -19.26
N VAL B 152 -12.42 25.92 -18.81
CA VAL B 152 -11.33 25.36 -19.61
C VAL B 152 -10.87 24.07 -18.95
N ASP B 153 -11.03 22.95 -19.66
CA ASP B 153 -10.56 21.65 -19.19
C ASP B 153 -11.15 21.30 -17.83
N GLY B 154 -12.44 21.57 -17.65
CA GLY B 154 -13.12 21.19 -16.44
C GLY B 154 -12.91 22.11 -15.25
N ILE B 155 -12.21 23.23 -15.43
CA ILE B 155 -12.02 24.19 -14.35
C ILE B 155 -12.35 25.59 -14.85
N TYR B 156 -12.70 26.46 -13.90
CA TYR B 156 -12.92 27.86 -14.19
C TYR B 156 -11.60 28.62 -14.19
N LYS B 157 -11.49 29.59 -15.10
CA LYS B 157 -10.24 30.30 -15.32
C LYS B 157 -10.54 31.58 -16.11
N CYS B 158 -9.85 32.66 -15.75
CA CYS B 158 -9.94 33.87 -16.57
C CYS B 158 -9.25 33.63 -17.90
N ASP B 159 -9.99 33.80 -18.99
CA ASP B 159 -9.48 33.52 -20.33
C ASP B 159 -10.00 34.58 -21.29
N CYS B 160 -9.47 34.54 -22.52
CA CYS B 160 -9.88 35.49 -23.54
C CYS B 160 -11.37 35.33 -23.86
N LYS B 161 -12.03 36.44 -24.13
CA LYS B 161 -13.47 36.45 -24.42
C LYS B 161 -13.77 35.80 -25.76
N SER B 171 0.27 37.95 -23.48
CA SER B 171 0.04 39.39 -23.54
C SER B 171 -1.45 39.71 -23.39
N ILE B 172 -1.92 40.69 -24.16
CA ILE B 172 -3.31 41.12 -24.10
C ILE B 172 -4.18 40.19 -24.96
N CYS B 173 -5.37 39.86 -24.45
CA CYS B 173 -6.34 39.09 -25.21
C CYS B 173 -6.91 39.95 -26.34
N THR B 174 -6.47 39.71 -27.56
CA THR B 174 -6.99 40.46 -28.70
C THR B 174 -7.17 39.57 -29.93
N GLN C 1 -6.72 -5.21 1.51
CA GLN C 1 -6.20 -6.44 2.08
C GLN C 1 -5.35 -6.16 3.34
N VAL C 2 -5.34 -4.90 3.76
CA VAL C 2 -4.56 -4.50 4.93
C VAL C 2 -5.15 -5.16 6.17
N GLN C 3 -4.28 -5.81 6.96
CA GLN C 3 -4.70 -6.57 8.13
C GLN C 3 -4.03 -6.00 9.37
N LEU C 4 -4.81 -5.87 10.44
CA LEU C 4 -4.30 -5.43 11.73
C LEU C 4 -4.41 -6.57 12.73
N GLN C 5 -3.36 -6.76 13.52
CA GLN C 5 -3.30 -7.88 14.46
C GLN C 5 -2.60 -7.41 15.73
N GLU C 6 -3.33 -7.38 16.83
CA GLU C 6 -2.77 -7.05 18.13
C GLU C 6 -2.14 -8.28 18.77
N SER C 7 -1.23 -8.02 19.71
CA SER C 7 -0.58 -9.08 20.46
C SER C 7 0.08 -8.48 21.68
N GLY C 8 0.32 -9.34 22.68
CA GLY C 8 0.91 -8.93 23.92
C GLY C 8 0.33 -9.70 25.08
N PRO C 9 0.94 -9.58 26.26
CA PRO C 9 0.47 -10.36 27.41
C PRO C 9 -0.99 -10.05 27.72
N GLY C 10 -1.77 -11.11 27.92
CA GLY C 10 -3.17 -11.00 28.26
C GLY C 10 -3.48 -10.92 29.73
N LEU C 11 -2.46 -10.99 30.59
CA LEU C 11 -2.67 -10.92 32.03
C LEU C 11 -1.58 -10.04 32.62
N VAL C 12 -1.98 -8.96 33.28
CA VAL C 12 -1.07 -8.02 33.91
C VAL C 12 -1.50 -7.84 35.36
N LYS C 13 -0.54 -7.91 36.27
CA LYS C 13 -0.86 -7.73 37.67
C LYS C 13 -1.14 -6.26 37.96
N PRO C 14 -1.98 -5.96 38.95
CA PRO C 14 -2.25 -4.56 39.30
C PRO C 14 -0.96 -3.81 39.57
N SER C 15 -0.94 -2.54 39.17
CA SER C 15 0.22 -1.63 39.18
C SER C 15 1.29 -2.04 38.17
N GLY C 16 1.10 -3.13 37.43
CA GLY C 16 2.01 -3.50 36.37
C GLY C 16 1.81 -2.65 35.13
N THR C 17 2.52 -3.02 34.07
CA THR C 17 2.51 -2.28 32.81
C THR C 17 1.89 -3.13 31.72
N LEU C 18 0.88 -2.57 31.05
CA LEU C 18 0.29 -3.21 29.88
C LEU C 18 1.12 -2.84 28.65
N SER C 19 1.44 -3.83 27.83
CA SER C 19 2.28 -3.61 26.65
C SER C 19 1.71 -4.40 25.48
N LEU C 20 1.35 -3.70 24.41
CA LEU C 20 0.76 -4.31 23.23
C LEU C 20 1.41 -3.74 21.97
N THR C 21 1.41 -4.56 20.91
CA THR C 21 1.93 -4.16 19.61
C THR C 21 0.94 -4.58 18.53
N CYS C 22 0.74 -3.71 17.55
CA CYS C 22 -0.21 -3.94 16.47
C CYS C 22 0.57 -4.13 15.17
N ALA C 23 0.59 -5.37 14.66
CA ALA C 23 1.32 -5.68 13.43
C ALA C 23 0.43 -5.47 12.22
N VAL C 24 0.91 -4.67 11.27
CA VAL C 24 0.20 -4.39 10.03
C VAL C 24 0.76 -5.29 8.93
N SER C 25 -0.13 -6.03 8.28
CA SER C 25 0.24 -6.89 7.17
C SER C 25 -0.66 -6.60 5.99
N GLY C 26 -0.36 -7.22 4.85
CA GLY C 26 -1.12 -6.99 3.63
C GLY C 26 -1.10 -5.55 3.17
N GLY C 27 -0.14 -4.77 3.62
CA GLY C 27 -0.06 -3.37 3.30
C GLY C 27 0.88 -2.66 4.24
N SER C 28 1.28 -1.46 3.85
CA SER C 28 2.21 -0.70 4.65
C SER C 28 1.47 0.05 5.76
N ILE C 29 2.17 0.25 6.88
CA ILE C 29 1.65 1.12 7.93
C ILE C 29 1.70 2.57 7.49
N SER C 30 2.46 2.88 6.44
CA SER C 30 2.48 4.22 5.88
C SER C 30 1.34 4.46 4.90
N SER C 31 0.42 3.51 4.76
CA SER C 31 -0.76 3.72 3.93
C SER C 31 -1.63 4.84 4.49
N SER C 32 -1.61 5.02 5.81
CA SER C 32 -2.27 6.15 6.46
C SER C 32 -1.27 6.88 7.34
N HIS C 33 -1.57 8.15 7.62
CA HIS C 33 -0.70 8.95 8.46
C HIS C 33 -1.04 8.86 9.95
N TRP C 34 -2.23 8.39 10.30
CA TRP C 34 -2.64 8.34 11.69
C TRP C 34 -3.14 6.95 12.03
N TRP C 35 -2.76 6.47 13.22
CA TRP C 35 -3.14 5.18 13.76
C TRP C 35 -3.50 5.36 15.23
N SER C 36 -4.52 4.63 15.70
CA SER C 36 -5.06 4.82 17.04
C SER C 36 -5.22 3.50 17.76
N TRP C 37 -5.37 3.59 19.08
CA TRP C 37 -5.73 2.47 19.92
C TRP C 37 -7.09 2.75 20.54
N VAL C 38 -7.97 1.75 20.51
CA VAL C 38 -9.30 1.83 21.10
C VAL C 38 -9.47 0.64 22.03
N ARG C 39 -10.14 0.85 23.16
CA ARG C 39 -10.36 -0.24 24.09
C ARG C 39 -11.82 -0.33 24.48
N GLN C 40 -12.19 -1.48 25.02
CA GLN C 40 -13.59 -1.75 25.39
C GLN C 40 -13.59 -2.60 26.65
N PRO C 41 -13.81 -2.00 27.82
CA PRO C 41 -13.97 -2.79 29.04
C PRO C 41 -15.16 -3.71 28.93
N PRO C 42 -15.18 -4.82 29.67
CA PRO C 42 -16.23 -5.82 29.49
C PRO C 42 -17.61 -5.23 29.72
N GLY C 43 -18.49 -5.46 28.75
CA GLY C 43 -19.87 -4.99 28.84
C GLY C 43 -20.06 -3.50 28.71
N LYS C 44 -18.98 -2.73 28.53
CA LYS C 44 -19.05 -1.29 28.37
C LYS C 44 -18.79 -0.91 26.91
N GLY C 45 -18.73 0.39 26.65
CA GLY C 45 -18.62 0.90 25.30
C GLY C 45 -17.18 1.11 24.85
N LEU C 46 -17.04 1.69 23.66
CA LEU C 46 -15.74 1.96 23.07
C LEU C 46 -15.12 3.21 23.69
N GLU C 47 -13.81 3.13 23.95
CA GLU C 47 -13.06 4.23 24.52
C GLU C 47 -11.82 4.46 23.67
N TRP C 48 -11.59 5.71 23.26
CA TRP C 48 -10.40 6.05 22.50
C TRP C 48 -9.22 6.20 23.45
N VAL C 49 -8.20 5.38 23.26
CA VAL C 49 -7.02 5.40 24.12
C VAL C 49 -6.01 6.44 23.66
N GLY C 50 -5.67 6.44 22.38
CA GLY C 50 -4.65 7.36 21.91
C GLY C 50 -4.43 7.19 20.43
N GLU C 51 -3.47 7.97 19.93
CA GLU C 51 -3.20 8.04 18.50
C GLU C 51 -1.74 8.42 18.28
N ILE C 52 -1.18 7.95 17.17
CA ILE C 52 0.16 8.35 16.75
C ILE C 52 0.19 8.59 15.25
N SER C 53 1.01 9.53 14.82
CA SER C 53 1.19 9.82 13.41
C SER C 53 2.51 9.21 12.92
N LEU C 54 2.66 9.16 11.59
CA LEU C 54 3.90 8.63 11.03
C LEU C 54 5.11 9.49 11.38
N SER C 55 4.88 10.76 11.73
CA SER C 55 5.96 11.66 12.12
C SER C 55 6.22 11.65 13.63
N GLY C 56 5.49 10.83 14.40
CA GLY C 56 5.71 10.69 15.81
C GLY C 56 4.80 11.52 16.71
N SER C 57 3.86 12.26 16.15
CA SER C 57 2.94 13.06 16.97
C SER C 57 1.96 12.13 17.69
N THR C 58 1.78 12.34 18.99
CA THR C 58 0.91 11.50 19.79
C THR C 58 -0.15 12.34 20.49
N HIS C 59 -1.37 11.80 20.54
CA HIS C 59 -2.48 12.36 21.32
C HIS C 59 -3.12 11.24 22.13
N TYR C 60 -3.49 11.56 23.36
CA TYR C 60 -3.97 10.55 24.29
C TYR C 60 -5.32 10.95 24.88
N GLY C 61 -6.06 9.95 25.33
CA GLY C 61 -7.26 10.18 26.09
C GLY C 61 -6.92 10.82 27.42
N PRO C 62 -7.59 11.92 27.75
CA PRO C 62 -7.24 12.63 28.99
C PRO C 62 -7.47 11.81 30.25
N SER C 63 -8.39 10.84 30.23
CA SER C 63 -8.63 10.04 31.42
C SER C 63 -7.42 9.18 31.78
N LEU C 64 -6.61 8.81 30.79
CA LEU C 64 -5.47 7.95 31.04
C LEU C 64 -4.27 8.70 31.62
N LYS C 65 -4.28 10.02 31.61
CA LYS C 65 -3.28 10.86 32.28
C LYS C 65 -1.89 10.52 31.70
N SER C 66 -0.87 10.41 32.54
CA SER C 66 0.51 10.20 32.10
C SER C 66 0.90 8.73 32.09
N ARG C 67 -0.07 7.83 32.17
CA ARG C 67 0.21 6.40 32.21
C ARG C 67 0.34 5.78 30.82
N VAL C 68 -0.13 6.47 29.78
CA VAL C 68 -0.22 5.90 28.44
C VAL C 68 0.87 6.49 27.56
N SER C 69 1.44 5.65 26.70
CA SER C 69 2.37 6.09 25.67
C SER C 69 2.21 5.17 24.47
N ILE C 70 2.47 5.73 23.28
CA ILE C 70 2.32 5.01 22.03
C ILE C 70 3.54 5.29 21.17
N SER C 71 4.11 4.24 20.59
CA SER C 71 5.25 4.37 19.71
C SER C 71 4.90 3.74 18.36
N LEU C 72 5.73 4.05 17.35
CA LEU C 72 5.55 3.50 16.02
C LEU C 72 6.91 3.17 15.43
N ASP C 73 6.97 2.04 14.71
CA ASP C 73 8.19 1.58 14.04
C ASP C 73 7.84 1.41 12.57
N LYS C 74 8.19 2.43 11.77
CA LYS C 74 7.83 2.44 10.36
C LYS C 74 8.48 1.27 9.61
N SER C 75 9.72 0.95 9.98
CA SER C 75 10.43 -0.13 9.29
C SER C 75 9.83 -1.50 9.59
N MET C 76 9.32 -1.71 10.80
CA MET C 76 8.76 -3.00 11.19
C MET C 76 7.26 -3.10 10.94
N ASN C 77 6.65 -2.04 10.41
CA ASN C 77 5.23 -2.05 10.06
C ASN C 77 4.34 -2.35 11.26
N HIS C 78 4.73 -1.89 12.44
CA HIS C 78 3.86 -2.02 13.61
C HIS C 78 3.95 -0.76 14.46
N PHE C 79 2.99 -0.63 15.36
CA PHE C 79 3.00 0.44 16.36
C PHE C 79 2.47 -0.13 17.67
N SER C 80 2.88 0.49 18.78
CA SER C 80 2.74 -0.14 20.09
C SER C 80 1.95 0.74 21.04
N LEU C 81 1.48 0.12 22.11
CA LEU C 81 0.76 0.80 23.18
C LEU C 81 1.34 0.36 24.52
N ARG C 82 1.47 1.33 25.43
CA ARG C 82 2.05 1.07 26.73
C ARG C 82 1.19 1.78 27.77
N LEU C 83 0.72 1.03 28.77
CA LEU C 83 -0.12 1.58 29.83
C LEU C 83 0.48 1.16 31.17
N SER C 84 0.85 2.14 31.98
CA SER C 84 1.52 1.87 33.25
C SER C 84 0.55 2.03 34.42
N SER C 85 0.94 1.43 35.55
CA SER C 85 0.18 1.50 36.81
C SER C 85 -1.27 1.08 36.61
N VAL C 86 -1.46 -0.09 35.99
CA VAL C 86 -2.79 -0.51 35.61
C VAL C 86 -3.58 -0.98 36.83
N THR C 87 -4.89 -0.77 36.80
CA THR C 87 -5.82 -1.29 37.77
C THR C 87 -6.89 -2.12 37.04
N ALA C 88 -7.83 -2.68 37.81
CA ALA C 88 -8.89 -3.48 37.21
C ALA C 88 -9.73 -2.70 36.22
N ALA C 89 -9.79 -1.37 36.35
CA ALA C 89 -10.53 -0.56 35.39
C ALA C 89 -9.91 -0.60 34.01
N ASP C 90 -8.66 -1.05 33.89
CA ASP C 90 -8.00 -1.16 32.60
C ASP C 90 -8.24 -2.50 31.92
N THR C 91 -8.88 -3.44 32.60
CA THR C 91 -9.29 -4.69 31.97
C THR C 91 -10.24 -4.41 30.82
N ALA C 92 -9.81 -4.75 29.61
CA ALA C 92 -10.57 -4.42 28.42
C ALA C 92 -9.99 -5.19 27.24
N VAL C 93 -10.78 -5.25 26.17
CA VAL C 93 -10.29 -5.70 24.88
C VAL C 93 -9.70 -4.48 24.19
N TYR C 94 -8.44 -4.56 23.78
CA TYR C 94 -7.76 -3.44 23.17
C TYR C 94 -7.68 -3.65 21.66
N TYR C 95 -8.22 -2.69 20.91
CA TYR C 95 -8.17 -2.71 19.45
C TYR C 95 -7.16 -1.68 18.96
N CYS C 96 -6.48 -2.00 17.86
CA CYS C 96 -5.78 -1.02 17.07
C CYS C 96 -6.57 -0.75 15.79
N ALA C 97 -6.50 0.49 15.31
CA ALA C 97 -7.31 0.92 14.19
C ALA C 97 -6.55 1.88 13.31
N ARG C 98 -6.71 1.72 12.00
CA ARG C 98 -6.21 2.71 11.05
C ARG C 98 -7.21 3.86 10.96
N GLU C 99 -6.68 5.07 10.90
CA GLU C 99 -7.48 6.28 10.81
C GLU C 99 -7.61 6.72 9.36
N SER C 100 -8.80 7.18 8.99
CA SER C 100 -9.01 7.85 7.72
C SER C 100 -9.46 9.28 8.01
N ARG C 101 -8.88 10.24 7.29
CA ARG C 101 -9.28 11.62 7.52
C ARG C 101 -9.88 12.20 6.24
N PHE C 102 -10.94 11.56 5.77
CA PHE C 102 -11.66 11.94 4.56
C PHE C 102 -13.11 12.21 4.96
N TYR C 103 -13.49 13.49 4.98
CA TYR C 103 -14.78 13.91 5.51
C TYR C 103 -14.94 13.46 6.96
N GLY C 104 -14.00 13.89 7.78
CA GLY C 104 -13.97 13.55 9.19
C GLY C 104 -12.69 12.83 9.58
N ALA C 105 -12.71 12.25 10.76
CA ALA C 105 -11.60 11.42 11.25
C ALA C 105 -12.24 10.23 11.97
N TYR C 106 -12.07 9.04 11.41
CA TYR C 106 -12.74 7.84 11.88
C TYR C 106 -11.81 6.64 11.64
N PHE C 107 -12.30 5.44 11.94
CA PHE C 107 -11.49 4.23 11.87
C PHE C 107 -12.08 3.27 10.86
N ASP C 108 -11.43 3.13 9.71
CA ASP C 108 -11.97 2.31 8.63
C ASP C 108 -11.47 0.86 8.69
N TYR C 109 -10.31 0.61 9.28
CA TYR C 109 -9.77 -0.73 9.42
C TYR C 109 -9.42 -0.97 10.88
N TRP C 110 -9.89 -2.08 11.44
CA TRP C 110 -9.64 -2.43 12.82
C TRP C 110 -8.89 -3.76 12.90
N GLY C 111 -8.35 -4.04 14.08
CA GLY C 111 -7.73 -5.32 14.34
C GLY C 111 -8.69 -6.30 14.99
N GLN C 112 -8.21 -7.53 15.17
CA GLN C 112 -9.06 -8.56 15.77
C GLN C 112 -9.42 -8.21 17.21
N GLY C 113 -8.56 -7.47 17.90
CA GLY C 113 -8.79 -7.17 19.29
C GLY C 113 -8.23 -8.26 20.21
N THR C 114 -7.48 -7.86 21.23
CA THR C 114 -6.92 -8.76 22.22
C THR C 114 -7.35 -8.32 23.61
N LEU C 115 -7.65 -9.29 24.46
CA LEU C 115 -8.08 -9.01 25.83
C LEU C 115 -6.89 -8.97 26.76
N VAL C 116 -6.89 -8.00 27.67
CA VAL C 116 -5.90 -7.91 28.73
C VAL C 116 -6.65 -7.83 30.05
N THR C 117 -6.46 -8.84 30.89
CA THR C 117 -7.04 -8.86 32.22
C THR C 117 -6.03 -8.32 33.22
N VAL C 118 -6.45 -7.37 34.04
CA VAL C 118 -5.64 -6.85 35.13
C VAL C 118 -6.11 -7.52 36.40
N SER C 119 -5.26 -8.36 36.97
CA SER C 119 -5.61 -9.15 38.14
C SER C 119 -4.34 -9.74 38.74
N SER C 120 -4.38 -9.94 40.04
CA SER C 120 -3.29 -10.64 40.72
C SER C 120 -3.51 -12.14 40.75
N ALA C 121 -4.61 -12.62 40.16
CA ALA C 121 -4.88 -14.05 40.09
C ALA C 121 -3.91 -14.75 39.15
N SER C 122 -3.58 -15.99 39.48
CA SER C 122 -2.59 -16.75 38.73
C SER C 122 -3.22 -17.50 37.57
N THR C 123 -2.38 -17.79 36.57
CA THR C 123 -2.81 -18.52 35.40
C THR C 123 -3.05 -19.99 35.74
N LYS C 124 -4.15 -20.54 35.20
CA LYS C 124 -4.47 -21.95 35.38
C LYS C 124 -5.12 -22.48 34.11
N GLY C 125 -4.59 -23.58 33.60
CA GLY C 125 -5.15 -24.23 32.44
C GLY C 125 -6.42 -24.98 32.76
N PRO C 126 -7.27 -25.18 31.75
CA PRO C 126 -8.57 -25.83 31.97
C PRO C 126 -8.50 -27.35 31.91
N SER C 127 -9.48 -27.96 32.54
CA SER C 127 -9.82 -29.37 32.32
C SER C 127 -10.98 -29.43 31.33
N VAL C 128 -10.88 -30.33 30.37
CA VAL C 128 -11.89 -30.47 29.32
C VAL C 128 -12.57 -31.83 29.46
N PHE C 129 -13.89 -31.81 29.64
CA PHE C 129 -14.67 -33.03 29.82
C PHE C 129 -15.74 -33.13 28.76
N PRO C 130 -16.06 -34.34 28.28
CA PRO C 130 -17.04 -34.47 27.20
C PRO C 130 -18.47 -34.30 27.68
N LEU C 131 -19.30 -33.68 26.84
CA LEU C 131 -20.74 -33.63 27.05
C LEU C 131 -21.37 -34.60 26.05
N ALA C 132 -21.37 -35.87 26.43
CA ALA C 132 -21.67 -36.93 25.50
C ALA C 132 -23.15 -36.91 25.12
N PRO C 133 -23.47 -37.13 23.84
CA PRO C 133 -24.88 -37.17 23.42
C PRO C 133 -25.53 -38.47 23.85
N SER C 134 -26.85 -38.40 24.06
CA SER C 134 -27.61 -39.55 24.51
C SER C 134 -29.05 -39.39 24.03
N SER C 135 -29.93 -40.25 24.55
CA SER C 135 -31.36 -40.09 24.32
C SER C 135 -31.90 -38.82 24.96
N LYS C 136 -31.21 -38.29 25.97
CA LYS C 136 -31.61 -37.08 26.67
C LYS C 136 -31.11 -35.80 25.99
N SER C 137 -30.48 -35.90 24.82
CA SER C 137 -30.04 -34.73 24.08
C SER C 137 -30.45 -34.84 22.61
N THR C 138 -31.53 -35.58 22.33
CA THR C 138 -32.02 -35.79 20.98
C THR C 138 -33.45 -35.31 20.87
N SER C 139 -33.70 -34.41 19.93
CA SER C 139 -35.05 -33.95 19.60
C SER C 139 -35.20 -33.98 18.09
N GLY C 140 -36.26 -34.62 17.61
CA GLY C 140 -36.35 -34.84 16.18
C GLY C 140 -35.19 -35.72 15.73
N GLY C 141 -34.66 -35.41 14.56
CA GLY C 141 -33.50 -36.13 14.10
C GLY C 141 -32.16 -35.54 14.49
N THR C 142 -32.14 -34.51 15.35
CA THR C 142 -30.92 -33.81 15.70
C THR C 142 -30.51 -34.14 17.13
N ALA C 143 -29.23 -34.48 17.29
CA ALA C 143 -28.64 -34.77 18.59
C ALA C 143 -27.66 -33.67 18.97
N ALA C 144 -27.59 -33.39 20.26
CA ALA C 144 -26.73 -32.33 20.79
C ALA C 144 -25.59 -32.95 21.60
N LEU C 145 -24.38 -32.46 21.35
CA LEU C 145 -23.20 -32.91 22.06
C LEU C 145 -22.27 -31.72 22.28
N GLY C 146 -21.33 -31.89 23.20
CA GLY C 146 -20.39 -30.83 23.47
C GLY C 146 -19.27 -31.32 24.35
N CYS C 147 -18.53 -30.36 24.90
CA CYS C 147 -17.45 -30.67 25.82
C CYS C 147 -17.33 -29.49 26.79
N LEU C 148 -17.07 -29.79 28.06
CA LEU C 148 -17.04 -28.80 29.13
C LEU C 148 -15.62 -28.34 29.41
N VAL C 149 -15.39 -27.04 29.27
CA VAL C 149 -14.09 -26.42 29.54
C VAL C 149 -14.21 -25.69 30.88
N LYS C 150 -13.63 -26.26 31.92
CA LYS C 150 -13.86 -25.85 33.30
C LYS C 150 -12.55 -25.47 33.99
N ASP C 151 -12.63 -24.47 34.87
CA ASP C 151 -11.57 -24.10 35.82
C ASP C 151 -10.29 -23.64 35.11
N TYR C 152 -10.39 -22.44 34.55
CA TYR C 152 -9.23 -21.82 33.90
C TYR C 152 -9.21 -20.32 34.18
N PHE C 153 -8.01 -19.74 34.05
CA PHE C 153 -7.83 -18.30 34.21
C PHE C 153 -6.56 -17.89 33.49
N PRO C 154 -6.55 -16.77 32.77
CA PRO C 154 -7.70 -15.90 32.52
C PRO C 154 -8.36 -16.17 31.18
N GLU C 155 -9.29 -15.32 30.79
CA GLU C 155 -9.86 -15.38 29.47
C GLU C 155 -8.80 -15.02 28.42
N PRO C 156 -8.94 -15.51 27.19
CA PRO C 156 -9.99 -16.43 26.75
C PRO C 156 -9.51 -17.84 26.46
N VAL C 157 -10.47 -18.72 26.15
CA VAL C 157 -10.19 -20.00 25.52
C VAL C 157 -10.87 -19.99 24.16
N THR C 158 -10.27 -20.72 23.21
CA THR C 158 -10.85 -20.93 21.90
C THR C 158 -11.27 -22.39 21.77
N VAL C 159 -12.51 -22.61 21.38
CA VAL C 159 -13.03 -23.95 21.15
C VAL C 159 -13.43 -24.05 19.69
N SER C 160 -12.87 -25.04 19.00
CA SER C 160 -13.27 -25.37 17.65
C SER C 160 -13.64 -26.84 17.60
N TRP C 161 -14.33 -27.24 16.54
CA TRP C 161 -14.79 -28.61 16.40
C TRP C 161 -14.22 -29.23 15.12
N ASN C 162 -13.60 -30.39 15.27
CA ASN C 162 -12.95 -31.11 14.17
C ASN C 162 -11.95 -30.23 13.44
N SER C 163 -11.16 -29.48 14.23
CA SER C 163 -10.16 -28.54 13.70
C SER C 163 -10.79 -27.49 12.80
N GLY C 164 -11.96 -26.98 13.20
CA GLY C 164 -12.64 -25.95 12.46
C GLY C 164 -13.52 -26.42 11.33
N ALA C 165 -13.52 -27.71 11.01
CA ALA C 165 -14.34 -28.21 9.92
C ALA C 165 -15.83 -28.18 10.26
N LEU C 166 -16.19 -28.18 11.54
CA LEU C 166 -17.58 -28.14 11.99
C LEU C 166 -17.81 -26.83 12.73
N THR C 167 -18.61 -25.94 12.13
CA THR C 167 -18.93 -24.64 12.73
C THR C 167 -20.44 -24.42 12.78
N SER C 168 -21.15 -24.90 11.76
CA SER C 168 -22.60 -24.72 11.72
C SER C 168 -23.27 -25.49 12.85
N GLY C 169 -24.12 -24.79 13.59
CA GLY C 169 -24.80 -25.39 14.73
C GLY C 169 -24.03 -25.32 16.04
N VAL C 170 -22.82 -24.77 16.02
CA VAL C 170 -22.00 -24.68 17.23
C VAL C 170 -22.47 -23.49 18.06
N HIS C 171 -22.58 -23.70 19.38
CA HIS C 171 -22.84 -22.64 20.34
C HIS C 171 -21.79 -22.74 21.43
N THR C 172 -20.83 -21.81 21.42
CA THR C 172 -19.86 -21.68 22.51
C THR C 172 -20.37 -20.60 23.44
N PHE C 173 -20.76 -20.99 24.66
CA PHE C 173 -21.37 -20.04 25.58
C PHE C 173 -20.31 -19.10 26.17
N PRO C 174 -20.71 -17.88 26.51
CA PRO C 174 -19.78 -16.98 27.22
C PRO C 174 -19.37 -17.59 28.54
N ALA C 175 -18.11 -17.35 28.91
CA ALA C 175 -17.60 -17.91 30.15
C ALA C 175 -18.35 -17.34 31.34
N VAL C 176 -18.52 -18.16 32.38
CA VAL C 176 -19.05 -17.72 33.65
C VAL C 176 -17.91 -17.70 34.66
N LEU C 177 -17.96 -16.74 35.57
CA LEU C 177 -16.95 -16.65 36.62
C LEU C 177 -17.48 -17.38 37.85
N GLN C 178 -16.89 -18.54 38.15
CA GLN C 178 -17.33 -19.35 39.27
C GLN C 178 -16.89 -18.72 40.60
N SER C 179 -17.43 -19.25 41.69
CA SER C 179 -17.10 -18.75 43.02
C SER C 179 -15.62 -18.96 43.35
N SER C 180 -14.97 -19.93 42.72
CA SER C 180 -13.55 -20.16 42.93
C SER C 180 -12.67 -19.10 42.26
N GLY C 181 -13.26 -18.22 41.46
CA GLY C 181 -12.49 -17.25 40.71
C GLY C 181 -11.96 -17.74 39.38
N LEU C 182 -12.33 -18.94 38.97
CA LEU C 182 -11.89 -19.51 37.71
C LEU C 182 -13.06 -19.53 36.72
N TYR C 183 -12.74 -19.36 35.45
CA TYR C 183 -13.80 -19.33 34.44
C TYR C 183 -14.17 -20.74 34.02
N SER C 184 -15.35 -20.85 33.42
CA SER C 184 -15.88 -22.12 32.94
C SER C 184 -16.88 -21.83 31.83
N LEU C 185 -16.84 -22.64 30.78
CA LEU C 185 -17.83 -22.52 29.71
C LEU C 185 -18.10 -23.91 29.15
N SER C 186 -19.11 -23.97 28.28
CA SER C 186 -19.44 -25.16 27.51
C SER C 186 -19.54 -24.76 26.05
N SER C 187 -19.12 -25.65 25.18
CA SER C 187 -19.31 -25.48 23.73
C SER C 187 -20.12 -26.68 23.26
N VAL C 188 -21.33 -26.41 22.77
CA VAL C 188 -22.22 -27.45 22.30
C VAL C 188 -22.40 -27.31 20.79
N VAL C 189 -22.76 -28.42 20.16
CA VAL C 189 -23.05 -28.46 18.73
C VAL C 189 -24.20 -29.43 18.53
N THR C 190 -25.11 -29.08 17.61
CA THR C 190 -26.21 -29.95 17.24
C THR C 190 -25.92 -30.57 15.88
N VAL C 191 -26.04 -31.89 15.80
CA VAL C 191 -25.73 -32.61 14.56
C VAL C 191 -26.88 -33.57 14.29
N PRO C 192 -26.99 -34.07 13.06
CA PRO C 192 -27.94 -35.15 12.79
C PRO C 192 -27.57 -36.39 13.60
N SER C 193 -28.54 -36.90 14.37
CA SER C 193 -28.28 -38.03 15.25
C SER C 193 -27.90 -39.29 14.48
N SER C 194 -28.24 -39.35 13.19
CA SER C 194 -27.85 -40.49 12.37
C SER C 194 -26.34 -40.53 12.14
N SER C 195 -25.66 -39.40 12.28
CA SER C 195 -24.24 -39.31 12.04
C SER C 195 -23.40 -39.69 13.25
N LEU C 196 -24.02 -40.03 14.38
CA LEU C 196 -23.28 -40.38 15.58
C LEU C 196 -22.46 -41.66 15.40
N GLY C 197 -22.81 -42.50 14.44
CA GLY C 197 -22.00 -43.67 14.15
C GLY C 197 -20.98 -43.44 13.05
N THR C 198 -21.26 -42.47 12.17
CA THR C 198 -20.42 -42.22 11.00
C THR C 198 -19.32 -41.21 11.26
N GLN C 199 -19.65 -40.10 11.91
CA GLN C 199 -18.74 -38.98 12.07
C GLN C 199 -18.17 -38.95 13.48
N THR C 200 -16.86 -38.77 13.60
CA THR C 200 -16.25 -38.57 14.90
C THR C 200 -16.23 -37.09 15.21
N TYR C 201 -16.50 -36.75 16.47
CA TYR C 201 -16.59 -35.36 16.91
C TYR C 201 -15.55 -35.12 18.00
N ILE C 202 -14.63 -34.21 17.72
CA ILE C 202 -13.57 -33.84 18.65
C ILE C 202 -13.61 -32.34 18.82
N CYS C 203 -13.63 -31.88 20.07
CA CYS C 203 -13.49 -30.46 20.33
C CYS C 203 -12.03 -30.14 20.62
N ASN C 204 -11.55 -29.06 20.00
CA ASN C 204 -10.15 -28.63 20.10
C ASN C 204 -10.10 -27.41 21.00
N VAL C 205 -9.69 -27.62 22.25
CA VAL C 205 -9.63 -26.57 23.26
C VAL C 205 -8.20 -26.04 23.35
N ASN C 206 -8.05 -24.72 23.20
CA ASN C 206 -6.74 -24.08 23.21
C ASN C 206 -6.77 -22.91 24.18
N HIS C 207 -5.92 -22.95 25.21
CA HIS C 207 -5.82 -21.88 26.21
C HIS C 207 -4.39 -21.33 26.13
N LYS C 208 -4.22 -20.27 25.36
CA LYS C 208 -2.88 -19.73 25.13
C LYS C 208 -2.17 -19.23 26.39
N PRO C 209 -2.81 -18.53 27.32
CA PRO C 209 -2.06 -18.05 28.52
C PRO C 209 -1.38 -19.17 29.29
N SER C 210 -1.98 -20.35 29.38
CA SER C 210 -1.37 -21.49 30.05
C SER C 210 -0.76 -22.48 29.07
N ASN C 211 -0.79 -22.15 27.77
CA ASN C 211 -0.19 -22.99 26.73
C ASN C 211 -0.77 -24.41 26.75
N THR C 212 -2.09 -24.50 26.96
CA THR C 212 -2.78 -25.78 27.05
C THR C 212 -3.58 -25.99 25.77
N LYS C 213 -3.30 -27.08 25.05
CA LYS C 213 -4.06 -27.50 23.89
C LYS C 213 -4.54 -28.91 24.12
N VAL C 214 -5.85 -29.11 24.04
CA VAL C 214 -6.48 -30.40 24.31
C VAL C 214 -7.44 -30.74 23.18
N ASP C 215 -7.40 -31.99 22.71
CA ASP C 215 -8.33 -32.51 21.72
C ASP C 215 -9.11 -33.63 22.40
N LYS C 216 -10.41 -33.43 22.58
CA LYS C 216 -11.25 -34.40 23.30
C LYS C 216 -12.29 -34.97 22.36
N LYS C 217 -12.25 -36.29 22.17
CA LYS C 217 -13.26 -36.96 21.37
C LYS C 217 -14.51 -37.20 22.22
N VAL C 218 -15.65 -36.79 21.70
CA VAL C 218 -16.94 -36.92 22.39
C VAL C 218 -17.63 -38.17 21.85
N GLU C 219 -17.77 -39.19 22.71
CA GLU C 219 -18.35 -40.49 22.42
C GLU C 219 -19.86 -40.44 22.61
N PRO C 220 -20.61 -41.11 21.73
CA PRO C 220 -22.07 -40.96 21.70
C PRO C 220 -22.84 -41.75 22.76
N LYS C 221 -22.17 -42.50 23.64
CA LYS C 221 -22.88 -43.28 24.66
C LYS C 221 -24.02 -44.12 24.08
N VAL D 2 6.57 3.86 -2.23
CA VAL D 2 7.06 2.50 -2.48
C VAL D 2 8.47 2.51 -3.04
N GLN D 3 9.35 1.73 -2.41
CA GLN D 3 10.76 1.69 -2.75
C GLN D 3 11.16 0.27 -3.12
N LEU D 4 11.98 0.15 -4.16
CA LEU D 4 12.53 -1.13 -4.58
C LEU D 4 14.03 -1.10 -4.38
N GLN D 5 14.58 -2.19 -3.84
CA GLN D 5 16.00 -2.24 -3.48
C GLN D 5 16.53 -3.64 -3.74
N GLU D 6 17.45 -3.74 -4.71
CA GLU D 6 18.11 -5.01 -4.99
C GLU D 6 19.30 -5.20 -4.04
N SER D 7 19.70 -6.46 -3.88
CA SER D 7 20.85 -6.80 -3.05
C SER D 7 21.27 -8.22 -3.36
N GLY D 8 22.53 -8.51 -3.07
CA GLY D 8 23.08 -9.81 -3.35
C GLY D 8 24.53 -9.72 -3.78
N PRO D 9 25.20 -10.87 -3.87
CA PRO D 9 26.63 -10.87 -4.20
C PRO D 9 26.90 -10.22 -5.55
N GLY D 10 27.89 -9.33 -5.57
CA GLY D 10 28.31 -8.65 -6.77
C GLY D 10 29.38 -9.35 -7.58
N LEU D 11 29.86 -10.51 -7.11
CA LEU D 11 30.90 -11.27 -7.79
C LEU D 11 30.52 -12.74 -7.75
N VAL D 12 30.40 -13.35 -8.92
CA VAL D 12 30.04 -14.76 -9.06
C VAL D 12 31.06 -15.42 -9.97
N LYS D 13 31.59 -16.57 -9.55
CA LYS D 13 32.55 -17.27 -10.37
C LYS D 13 31.85 -17.92 -11.58
N PRO D 14 32.55 -18.04 -12.70
CA PRO D 14 31.94 -18.66 -13.89
C PRO D 14 31.38 -20.03 -13.56
N SER D 15 30.23 -20.32 -14.16
CA SER D 15 29.39 -21.51 -13.94
C SER D 15 28.73 -21.52 -12.57
N GLY D 16 28.99 -20.53 -11.72
CA GLY D 16 28.30 -20.42 -10.46
C GLY D 16 26.88 -19.91 -10.65
N THR D 17 26.23 -19.64 -9.53
CA THR D 17 24.83 -19.23 -9.50
C THR D 17 24.72 -17.78 -9.02
N LEU D 18 24.07 -16.94 -9.82
CA LEU D 18 23.78 -15.58 -9.43
C LEU D 18 22.50 -15.56 -8.60
N SER D 19 22.53 -14.83 -7.48
CA SER D 19 21.40 -14.79 -6.56
C SER D 19 21.18 -13.36 -6.08
N LEU D 20 20.00 -12.81 -6.35
CA LEU D 20 19.66 -11.44 -5.96
C LEU D 20 18.26 -11.42 -5.36
N THR D 21 18.02 -10.45 -4.47
CA THR D 21 16.74 -10.28 -3.80
C THR D 21 16.30 -8.83 -3.89
N CYS D 22 15.02 -8.62 -4.16
CA CYS D 22 14.44 -7.29 -4.31
C CYS D 22 13.48 -7.03 -3.15
N ALA D 23 13.88 -6.18 -2.22
CA ALA D 23 13.07 -5.87 -1.05
C ALA D 23 12.17 -4.67 -1.34
N VAL D 24 10.88 -4.84 -1.10
CA VAL D 24 9.89 -3.78 -1.30
C VAL D 24 9.61 -3.14 0.06
N SER D 25 9.74 -1.82 0.13
CA SER D 25 9.46 -1.06 1.33
C SER D 25 8.52 0.08 1.00
N GLY D 26 8.09 0.81 2.04
CA GLY D 26 7.15 1.89 1.86
C GLY D 26 5.85 1.49 1.21
N GLY D 27 5.54 0.21 1.25
CA GLY D 27 4.35 -0.32 0.58
C GLY D 27 4.45 -1.82 0.47
N SER D 28 3.32 -2.43 0.17
CA SER D 28 3.25 -3.87 0.05
C SER D 28 3.69 -4.33 -1.35
N ILE D 29 4.25 -5.54 -1.40
CA ILE D 29 4.50 -6.16 -2.69
C ILE D 29 3.21 -6.65 -3.33
N SER D 30 2.12 -6.68 -2.58
CA SER D 30 0.82 -6.99 -3.16
C SER D 30 0.12 -5.78 -3.77
N SER D 31 0.79 -4.63 -3.83
CA SER D 31 0.17 -3.48 -4.51
C SER D 31 -0.02 -3.74 -5.99
N SER D 32 0.84 -4.55 -6.60
CA SER D 32 0.67 -5.00 -7.97
C SER D 32 0.69 -6.52 -8.00
N HIS D 33 0.11 -7.08 -9.06
CA HIS D 33 0.05 -8.52 -9.21
C HIS D 33 1.25 -9.10 -9.97
N TRP D 34 2.03 -8.27 -10.68
CA TRP D 34 3.16 -8.74 -11.46
C TRP D 34 4.42 -7.95 -11.12
N TRP D 35 5.54 -8.66 -11.02
CA TRP D 35 6.84 -8.08 -10.72
C TRP D 35 7.90 -8.72 -11.62
N SER D 36 8.88 -7.92 -12.05
CA SER D 36 9.85 -8.36 -13.04
C SER D 36 11.28 -8.03 -12.65
N TRP D 37 12.20 -8.74 -13.30
CA TRP D 37 13.63 -8.46 -13.26
C TRP D 37 14.08 -8.05 -14.65
N VAL D 38 14.86 -7.00 -14.72
CA VAL D 38 15.44 -6.50 -15.96
C VAL D 38 16.94 -6.36 -15.72
N ARG D 39 17.74 -6.62 -16.74
CA ARG D 39 19.17 -6.44 -16.62
C ARG D 39 19.72 -5.63 -17.78
N GLN D 40 20.93 -5.12 -17.59
CA GLN D 40 21.62 -4.30 -18.58
C GLN D 40 23.11 -4.62 -18.55
N PRO D 41 23.59 -5.41 -19.49
CA PRO D 41 25.03 -5.65 -19.59
C PRO D 41 25.77 -4.35 -19.86
N PRO D 42 27.05 -4.29 -19.52
CA PRO D 42 27.78 -3.01 -19.62
C PRO D 42 27.76 -2.47 -21.05
N GLY D 43 27.31 -1.22 -21.17
CA GLY D 43 27.26 -0.57 -22.46
C GLY D 43 26.18 -1.05 -23.41
N LYS D 44 25.39 -2.04 -23.03
CA LYS D 44 24.33 -2.56 -23.88
C LYS D 44 22.97 -2.04 -23.38
N GLY D 45 21.89 -2.52 -24.01
CA GLY D 45 20.57 -2.03 -23.72
C GLY D 45 19.86 -2.85 -22.66
N LEU D 46 18.58 -2.52 -22.45
CA LEU D 46 17.78 -3.18 -21.44
C LEU D 46 17.29 -4.54 -21.93
N GLU D 47 17.36 -5.54 -21.05
CA GLU D 47 16.92 -6.90 -21.36
C GLU D 47 15.97 -7.37 -20.27
N TRP D 48 14.81 -7.87 -20.69
CA TRP D 48 13.84 -8.43 -19.75
C TRP D 48 14.28 -9.83 -19.33
N VAL D 49 14.53 -10.01 -18.05
CA VAL D 49 14.99 -11.30 -17.54
C VAL D 49 13.82 -12.23 -17.24
N GLY D 50 12.81 -11.74 -16.53
CA GLY D 50 11.71 -12.61 -16.15
C GLY D 50 10.69 -11.85 -15.35
N GLU D 51 9.66 -12.59 -14.93
CA GLU D 51 8.50 -12.02 -14.27
C GLU D 51 7.84 -13.07 -13.38
N ILE D 52 7.23 -12.61 -12.29
CA ILE D 52 6.45 -13.49 -11.43
C ILE D 52 5.20 -12.75 -10.99
N SER D 53 4.13 -13.49 -10.80
CA SER D 53 2.89 -12.93 -10.28
C SER D 53 2.72 -13.32 -8.82
N LEU D 54 1.78 -12.66 -8.16
CA LEU D 54 1.50 -12.96 -6.76
C LEU D 54 1.00 -14.38 -6.56
N SER D 55 0.46 -14.99 -7.61
CA SER D 55 -0.01 -16.37 -7.54
C SER D 55 1.08 -17.36 -7.92
N GLY D 56 2.28 -16.90 -8.24
CA GLY D 56 3.40 -17.78 -8.51
C GLY D 56 3.66 -18.08 -9.98
N SER D 57 2.90 -17.47 -10.89
CA SER D 57 3.11 -17.69 -12.32
C SER D 57 4.39 -17.00 -12.77
N THR D 58 5.22 -17.72 -13.50
CA THR D 58 6.52 -17.19 -13.92
C THR D 58 6.63 -17.24 -15.44
N HIS D 59 7.23 -16.19 -15.99
CA HIS D 59 7.61 -16.13 -17.39
C HIS D 59 9.05 -15.61 -17.47
N TYR D 60 9.83 -16.20 -18.36
CA TYR D 60 11.25 -15.90 -18.45
C TYR D 60 11.62 -15.56 -19.88
N GLY D 61 12.71 -14.80 -20.02
CA GLY D 61 13.28 -14.55 -21.31
C GLY D 61 13.79 -15.84 -21.92
N PRO D 62 13.41 -16.11 -23.16
CA PRO D 62 13.81 -17.38 -23.79
C PRO D 62 15.30 -17.53 -23.94
N SER D 63 16.04 -16.42 -23.99
CA SER D 63 17.48 -16.50 -24.14
C SER D 63 18.13 -17.15 -22.92
N LEU D 64 17.52 -17.00 -21.74
CA LEU D 64 18.10 -17.53 -20.52
C LEU D 64 17.81 -19.02 -20.31
N LYS D 65 16.90 -19.60 -21.08
CA LYS D 65 16.65 -21.06 -21.11
C LYS D 65 16.26 -21.52 -19.69
N SER D 66 16.79 -22.64 -19.23
CA SER D 66 16.43 -23.22 -17.95
C SER D 66 17.37 -22.80 -16.83
N ARG D 67 18.16 -21.75 -17.06
CA ARG D 67 19.11 -21.28 -16.07
C ARG D 67 18.50 -20.28 -15.08
N VAL D 68 17.34 -19.71 -15.41
CA VAL D 68 16.75 -18.61 -14.65
C VAL D 68 15.56 -19.14 -13.86
N SER D 69 15.39 -18.62 -12.65
CA SER D 69 14.21 -18.88 -11.82
C SER D 69 13.94 -17.64 -10.98
N ILE D 70 12.66 -17.45 -10.65
CA ILE D 70 12.23 -16.30 -9.86
C ILE D 70 11.26 -16.80 -8.80
N SER D 71 11.43 -16.36 -7.56
CA SER D 71 10.53 -16.69 -6.48
C SER D 71 10.00 -15.41 -5.85
N LEU D 72 8.93 -15.56 -5.06
CA LEU D 72 8.34 -14.44 -4.34
C LEU D 72 7.93 -14.92 -2.95
N ASP D 73 8.14 -14.05 -1.96
CA ASP D 73 7.80 -14.33 -0.57
C ASP D 73 6.86 -13.22 -0.10
N LYS D 74 5.56 -13.50 -0.10
CA LYS D 74 4.58 -12.46 0.23
C LYS D 74 4.75 -12.00 1.67
N SER D 75 5.10 -12.90 2.57
CA SER D 75 5.26 -12.53 3.98
C SER D 75 6.48 -11.64 4.20
N MET D 76 7.54 -11.85 3.42
CA MET D 76 8.77 -11.10 3.55
C MET D 76 8.80 -9.85 2.67
N ASN D 77 7.73 -9.62 1.89
CA ASN D 77 7.62 -8.42 1.06
C ASN D 77 8.79 -8.27 0.10
N HIS D 78 9.33 -9.38 -0.38
CA HIS D 78 10.40 -9.35 -1.37
C HIS D 78 10.20 -10.45 -2.39
N PHE D 79 10.95 -10.37 -3.48
CA PHE D 79 11.02 -11.44 -4.46
C PHE D 79 12.45 -11.51 -4.99
N SER D 80 12.82 -12.70 -5.47
CA SER D 80 14.21 -13.02 -5.72
C SER D 80 14.44 -13.44 -7.17
N LEU D 81 15.71 -13.44 -7.57
CA LEU D 81 16.15 -13.90 -8.88
C LEU D 81 17.32 -14.86 -8.71
N ARG D 82 17.31 -15.94 -9.48
CA ARG D 82 18.35 -16.96 -9.40
C ARG D 82 18.73 -17.34 -10.83
N LEU D 83 20.01 -17.22 -11.15
CA LEU D 83 20.53 -17.52 -12.48
C LEU D 83 21.72 -18.46 -12.33
N SER D 84 21.64 -19.63 -12.93
CA SER D 84 22.67 -20.66 -12.78
C SER D 84 23.57 -20.73 -14.01
N SER D 85 24.72 -21.38 -13.84
CA SER D 85 25.68 -21.62 -14.91
C SER D 85 26.05 -20.32 -15.63
N VAL D 86 26.41 -19.31 -14.85
CA VAL D 86 26.62 -17.97 -15.40
C VAL D 86 27.96 -17.90 -16.12
N THR D 87 28.00 -17.07 -17.15
CA THR D 87 29.21 -16.72 -17.89
C THR D 87 29.40 -15.21 -17.85
N ALA D 88 30.47 -14.75 -18.50
CA ALA D 88 30.74 -13.32 -18.56
C ALA D 88 29.62 -12.56 -19.25
N ALA D 89 28.85 -13.23 -20.11
CA ALA D 89 27.71 -12.61 -20.78
C ALA D 89 26.60 -12.24 -19.81
N ASP D 90 26.63 -12.77 -18.58
CA ASP D 90 25.67 -12.44 -17.55
C ASP D 90 26.11 -11.28 -16.67
N THR D 91 27.33 -10.79 -16.83
CA THR D 91 27.75 -9.58 -16.15
C THR D 91 26.84 -8.43 -16.56
N ALA D 92 26.11 -7.88 -15.60
CA ALA D 92 25.13 -6.85 -15.91
C ALA D 92 24.65 -6.21 -14.62
N VAL D 93 24.05 -5.04 -14.76
CA VAL D 93 23.31 -4.40 -13.69
C VAL D 93 21.88 -4.94 -13.73
N TYR D 94 21.43 -5.51 -12.61
CA TYR D 94 20.11 -6.13 -12.53
C TYR D 94 19.17 -5.19 -11.79
N TYR D 95 18.07 -4.83 -12.44
CA TYR D 95 17.01 -4.03 -11.86
C TYR D 95 15.83 -4.92 -11.53
N CYS D 96 15.12 -4.59 -10.46
CA CYS D 96 13.78 -5.13 -10.24
C CYS D 96 12.75 -4.03 -10.51
N ALA D 97 11.57 -4.44 -10.96
CA ALA D 97 10.56 -3.48 -11.38
C ALA D 97 9.16 -3.96 -11.02
N ARG D 98 8.34 -3.04 -10.57
CA ARG D 98 6.92 -3.33 -10.42
C ARG D 98 6.25 -3.21 -11.78
N GLU D 99 5.33 -4.12 -12.07
CA GLU D 99 4.60 -4.08 -13.32
C GLU D 99 3.25 -3.43 -13.11
N SER D 100 2.86 -2.57 -14.06
CA SER D 100 1.51 -2.03 -14.13
C SER D 100 0.89 -2.52 -15.43
N ARG D 101 -0.36 -2.96 -15.36
CA ARG D 101 -1.06 -3.43 -16.55
C ARG D 101 -2.30 -2.58 -16.80
N PHE D 102 -2.07 -1.29 -16.96
CA PHE D 102 -3.11 -0.30 -17.20
C PHE D 102 -2.78 0.36 -18.54
N TYR D 103 -3.55 0.03 -19.57
CA TYR D 103 -3.27 0.45 -20.94
C TYR D 103 -1.88 -0.06 -21.38
N GLY D 104 -1.72 -1.38 -21.31
CA GLY D 104 -0.47 -1.99 -21.68
C GLY D 104 0.13 -2.77 -20.53
N ALA D 105 1.40 -3.11 -20.63
CA ALA D 105 2.12 -3.78 -19.54
C ALA D 105 3.51 -3.19 -19.48
N TYR D 106 3.82 -2.47 -18.41
CA TYR D 106 5.06 -1.73 -18.32
C TYR D 106 5.54 -1.73 -16.87
N PHE D 107 6.64 -1.01 -16.65
CA PHE D 107 7.31 -0.99 -15.36
C PHE D 107 7.30 0.44 -14.84
N ASP D 108 6.46 0.70 -13.84
CA ASP D 108 6.28 2.04 -13.33
C ASP D 108 7.19 2.37 -12.15
N TYR D 109 7.65 1.37 -11.39
CA TYR D 109 8.56 1.59 -10.28
C TYR D 109 9.75 0.65 -10.42
N TRP D 110 10.96 1.20 -10.34
CA TRP D 110 12.19 0.45 -10.49
C TRP D 110 13.03 0.55 -9.23
N GLY D 111 14.02 -0.36 -9.13
CA GLY D 111 14.98 -0.33 -8.07
C GLY D 111 16.27 0.40 -8.45
N GLN D 112 17.16 0.50 -7.46
CA GLN D 112 18.43 1.19 -7.65
C GLN D 112 19.28 0.50 -8.70
N GLY D 113 19.14 -0.81 -8.84
CA GLY D 113 19.98 -1.59 -9.75
C GLY D 113 21.28 -2.01 -9.08
N THR D 114 21.62 -3.29 -9.15
CA THR D 114 22.86 -3.80 -8.58
C THR D 114 23.68 -4.51 -9.66
N LEU D 115 24.98 -4.33 -9.61
CA LEU D 115 25.89 -4.95 -10.57
C LEU D 115 26.39 -6.28 -10.05
N VAL D 116 26.43 -7.27 -10.93
CA VAL D 116 26.99 -8.58 -10.66
C VAL D 116 28.00 -8.87 -11.76
N THR D 117 29.28 -8.97 -11.40
CA THR D 117 30.34 -9.30 -12.33
C THR D 117 30.65 -10.79 -12.27
N VAL D 118 30.70 -11.43 -13.43
CA VAL D 118 31.05 -12.84 -13.53
C VAL D 118 32.52 -12.93 -13.90
N SER D 119 33.32 -13.42 -12.96
CA SER D 119 34.77 -13.49 -13.10
C SER D 119 35.33 -14.40 -12.01
N SER D 120 36.44 -15.06 -12.32
CA SER D 120 37.14 -15.86 -11.34
C SER D 120 38.20 -15.08 -10.57
N ALA D 121 38.35 -13.79 -10.87
CA ALA D 121 39.30 -12.96 -10.17
C ALA D 121 38.84 -12.74 -8.72
N SER D 122 39.81 -12.50 -7.85
CA SER D 122 39.48 -12.32 -6.45
C SER D 122 39.09 -10.88 -6.17
N THR D 123 38.36 -10.70 -5.08
CA THR D 123 37.97 -9.36 -4.66
C THR D 123 39.18 -8.61 -4.14
N LYS D 124 39.31 -7.34 -4.52
CA LYS D 124 40.41 -6.53 -4.04
C LYS D 124 39.95 -5.10 -3.78
N GLY D 125 40.20 -4.62 -2.58
CA GLY D 125 39.88 -3.27 -2.21
C GLY D 125 40.84 -2.29 -2.84
N PRO D 126 40.39 -1.05 -3.00
CA PRO D 126 41.19 -0.06 -3.72
C PRO D 126 42.23 0.62 -2.84
N SER D 127 43.27 1.13 -3.52
CA SER D 127 44.21 2.08 -2.93
C SER D 127 43.80 3.48 -3.34
N VAL D 128 43.80 4.40 -2.38
CA VAL D 128 43.34 5.76 -2.60
C VAL D 128 44.52 6.71 -2.45
N PHE D 129 44.79 7.48 -3.49
CA PHE D 129 45.88 8.44 -3.48
C PHE D 129 45.36 9.84 -3.77
N PRO D 130 45.95 10.87 -3.15
CA PRO D 130 45.42 12.22 -3.33
C PRO D 130 45.81 12.84 -4.66
N LEU D 131 44.88 13.58 -5.24
CA LEU D 131 45.15 14.45 -6.38
C LEU D 131 45.19 15.88 -5.84
N ALA D 132 46.36 16.24 -5.31
CA ALA D 132 46.46 17.46 -4.54
C ALA D 132 46.34 18.69 -5.43
N PRO D 133 45.62 19.72 -4.98
CA PRO D 133 45.54 20.94 -5.78
C PRO D 133 46.83 21.73 -5.68
N SER D 134 47.13 22.45 -6.77
CA SER D 134 48.34 23.25 -6.86
C SER D 134 48.09 24.38 -7.85
N SER D 135 49.15 25.07 -8.23
CA SER D 135 49.04 26.05 -9.31
C SER D 135 48.72 25.38 -10.63
N LYS D 136 49.03 24.09 -10.78
CA LYS D 136 48.75 23.39 -12.03
C LYS D 136 47.32 22.86 -12.11
N SER D 137 46.49 23.16 -11.11
CA SER D 137 45.08 22.76 -11.11
C SER D 137 44.17 23.92 -10.74
N THR D 138 44.62 25.15 -10.98
CA THR D 138 43.86 26.36 -10.65
C THR D 138 43.66 27.15 -11.92
N SER D 139 42.40 27.46 -12.23
CA SER D 139 42.04 28.35 -13.32
C SER D 139 40.98 29.31 -12.80
N GLY D 140 41.19 30.61 -13.00
CA GLY D 140 40.34 31.59 -12.36
C GLY D 140 40.45 31.49 -10.86
N GLY D 141 39.34 31.69 -10.17
CA GLY D 141 39.30 31.51 -8.74
C GLY D 141 38.99 30.10 -8.30
N THR D 142 39.02 29.16 -9.24
CA THR D 142 38.60 27.78 -9.02
C THR D 142 39.81 26.86 -8.98
N ALA D 143 39.89 26.03 -7.94
CA ALA D 143 40.93 25.02 -7.82
C ALA D 143 40.32 23.64 -7.98
N ALA D 144 41.09 22.73 -8.59
CA ALA D 144 40.64 21.36 -8.80
C ALA D 144 41.50 20.42 -7.96
N LEU D 145 40.83 19.51 -7.26
CA LEU D 145 41.49 18.51 -6.43
C LEU D 145 40.70 17.22 -6.57
N GLY D 146 41.31 16.12 -6.18
CA GLY D 146 40.63 14.85 -6.35
C GLY D 146 41.30 13.71 -5.64
N CYS D 147 40.92 12.51 -6.06
CA CYS D 147 41.43 11.28 -5.49
C CYS D 147 41.59 10.24 -6.58
N LEU D 148 42.70 9.53 -6.55
CA LEU D 148 42.97 8.46 -7.49
C LEU D 148 42.60 7.15 -6.79
N VAL D 149 41.63 6.45 -7.34
CA VAL D 149 41.20 5.17 -6.81
C VAL D 149 41.72 4.11 -7.77
N LYS D 150 42.76 3.38 -7.34
CA LYS D 150 43.51 2.53 -8.24
C LYS D 150 43.52 1.09 -7.73
N ASP D 151 43.48 0.14 -8.68
CA ASP D 151 43.74 -1.28 -8.43
C ASP D 151 42.68 -1.89 -7.50
N TYR D 152 41.47 -2.04 -8.02
CA TYR D 152 40.40 -2.67 -7.27
C TYR D 152 39.57 -3.56 -8.19
N PHE D 153 38.89 -4.53 -7.57
CA PHE D 153 38.04 -5.46 -8.30
C PHE D 153 37.04 -6.04 -7.32
N PRO D 154 35.76 -6.21 -7.72
CA PRO D 154 35.22 -5.78 -9.00
C PRO D 154 34.52 -4.43 -8.86
N GLU D 155 33.81 -4.01 -9.89
CA GLU D 155 32.99 -2.82 -9.80
C GLU D 155 31.84 -3.07 -8.83
N PRO D 156 31.29 -2.00 -8.22
CA PRO D 156 31.66 -0.59 -8.31
C PRO D 156 32.28 -0.08 -7.02
N VAL D 157 32.75 1.15 -7.05
CA VAL D 157 33.07 1.89 -5.85
C VAL D 157 32.19 3.13 -5.83
N THR D 158 31.86 3.59 -4.63
CA THR D 158 31.13 4.82 -4.43
C THR D 158 32.08 5.84 -3.82
N VAL D 159 32.18 7.01 -4.43
CA VAL D 159 33.05 8.08 -3.96
C VAL D 159 32.21 9.25 -3.54
N SER D 160 32.39 9.71 -2.31
CA SER D 160 31.76 10.92 -1.82
C SER D 160 32.85 11.84 -1.28
N TRP D 161 32.48 13.09 -1.09
CA TRP D 161 33.39 14.11 -0.58
C TRP D 161 32.82 14.70 0.71
N ASN D 162 33.65 14.70 1.76
CA ASN D 162 33.27 15.21 3.09
C ASN D 162 32.00 14.52 3.59
N SER D 163 31.95 13.20 3.40
CA SER D 163 30.82 12.38 3.84
C SER D 163 29.50 12.83 3.21
N GLY D 164 29.56 13.15 1.92
CA GLY D 164 28.38 13.54 1.16
C GLY D 164 28.00 14.99 1.28
N ALA D 165 28.67 15.76 2.13
CA ALA D 165 28.35 17.17 2.30
C ALA D 165 28.76 18.00 1.11
N LEU D 166 29.69 17.52 0.29
CA LEU D 166 30.19 18.23 -0.88
C LEU D 166 29.79 17.46 -2.14
N THR D 167 28.89 18.03 -2.92
CA THR D 167 28.42 17.35 -4.13
C THR D 167 28.57 18.21 -5.38
N SER D 168 28.34 19.52 -5.27
CA SER D 168 28.43 20.41 -6.42
C SER D 168 29.87 20.49 -6.94
N GLY D 169 30.03 20.31 -8.24
CA GLY D 169 31.34 20.36 -8.86
C GLY D 169 32.11 19.06 -8.89
N VAL D 170 31.55 17.98 -8.34
CA VAL D 170 32.22 16.70 -8.29
C VAL D 170 32.05 15.98 -9.62
N HIS D 171 33.15 15.38 -10.11
CA HIS D 171 33.13 14.50 -11.28
C HIS D 171 33.83 13.21 -10.92
N THR D 172 33.07 12.13 -10.74
CA THR D 172 33.64 10.81 -10.55
C THR D 172 33.65 10.13 -11.92
N PHE D 173 34.84 9.93 -12.47
CA PHE D 173 34.97 9.39 -13.81
C PHE D 173 34.63 7.90 -13.82
N PRO D 174 34.10 7.39 -14.94
CA PRO D 174 33.89 5.94 -15.04
C PRO D 174 35.21 5.19 -14.94
N ALA D 175 35.16 4.04 -14.29
CA ALA D 175 36.36 3.25 -14.11
C ALA D 175 36.86 2.71 -15.45
N VAL D 176 38.16 2.61 -15.57
CA VAL D 176 38.81 1.96 -16.70
C VAL D 176 39.36 0.63 -16.21
N LEU D 177 39.33 -0.37 -17.07
CA LEU D 177 39.88 -1.69 -16.76
C LEU D 177 41.34 -1.70 -17.19
N GLN D 178 42.24 -1.73 -16.22
CA GLN D 178 43.67 -1.73 -16.51
C GLN D 178 44.10 -3.10 -17.04
N SER D 179 45.30 -3.14 -17.61
CA SER D 179 45.82 -4.39 -18.17
C SER D 179 46.00 -5.46 -17.11
N SER D 180 46.16 -5.05 -15.85
CA SER D 180 46.32 -5.99 -14.75
C SER D 180 45.02 -6.69 -14.38
N GLY D 181 43.89 -6.32 -14.99
CA GLY D 181 42.60 -6.86 -14.64
C GLY D 181 41.90 -6.17 -13.49
N LEU D 182 42.48 -5.10 -12.96
CA LEU D 182 41.91 -4.33 -11.86
C LEU D 182 41.39 -3.00 -12.39
N TYR D 183 40.33 -2.51 -11.75
CA TYR D 183 39.74 -1.25 -12.16
C TYR D 183 40.46 -0.06 -11.51
N SER D 184 40.24 1.11 -12.10
CA SER D 184 40.81 2.34 -11.59
C SER D 184 39.96 3.51 -12.06
N LEU D 185 39.71 4.47 -11.17
CA LEU D 185 39.00 5.68 -11.53
C LEU D 185 39.57 6.86 -10.75
N SER D 186 39.12 8.06 -11.12
CA SER D 186 39.45 9.27 -10.39
C SER D 186 38.17 10.06 -10.12
N SER D 187 38.12 10.69 -8.96
CA SER D 187 37.02 11.57 -8.59
C SER D 187 37.62 12.94 -8.32
N VAL D 188 37.25 13.92 -9.14
CA VAL D 188 37.76 15.27 -8.99
C VAL D 188 36.62 16.20 -8.60
N VAL D 189 36.97 17.29 -7.93
CA VAL D 189 36.02 18.31 -7.51
C VAL D 189 36.69 19.67 -7.67
N THR D 190 35.93 20.65 -8.12
CA THR D 190 36.40 22.02 -8.25
C THR D 190 35.79 22.85 -7.13
N VAL D 191 36.63 23.58 -6.40
CA VAL D 191 36.19 24.36 -5.25
C VAL D 191 36.82 25.75 -5.35
N PRO D 192 36.29 26.72 -4.60
CA PRO D 192 36.96 28.04 -4.54
C PRO D 192 38.37 27.91 -3.97
N SER D 193 39.35 28.42 -4.72
CA SER D 193 40.74 28.32 -4.29
C SER D 193 41.02 29.12 -3.03
N SER D 194 40.17 30.10 -2.70
CA SER D 194 40.33 30.83 -1.45
C SER D 194 40.04 29.96 -0.22
N SER D 195 39.26 28.90 -0.40
CA SER D 195 38.88 28.03 0.70
C SER D 195 39.89 26.92 0.98
N LEU D 196 40.97 26.83 0.20
CA LEU D 196 41.93 25.75 0.39
C LEU D 196 42.66 25.81 1.73
N GLY D 197 42.70 26.97 2.37
CA GLY D 197 43.31 27.06 3.68
C GLY D 197 42.32 26.87 4.81
N THR D 198 41.04 27.16 4.54
CA THR D 198 40.00 27.11 5.55
C THR D 198 39.32 25.76 5.62
N GLN D 199 38.96 25.19 4.46
CA GLN D 199 38.14 24.00 4.38
C GLN D 199 39.00 22.80 4.05
N THR D 200 38.80 21.71 4.80
CA THR D 200 39.45 20.44 4.53
C THR D 200 38.59 19.60 3.59
N TYR D 201 39.24 18.87 2.69
CA TYR D 201 38.55 18.05 1.69
C TYR D 201 38.99 16.60 1.83
N ILE D 202 38.02 15.73 2.12
CA ILE D 202 38.25 14.30 2.27
C ILE D 202 37.35 13.57 1.30
N CYS D 203 37.92 12.65 0.54
CA CYS D 203 37.15 11.75 -0.31
C CYS D 203 36.93 10.44 0.44
N ASN D 204 35.71 9.95 0.42
CA ASN D 204 35.31 8.74 1.12
C ASN D 204 35.07 7.67 0.06
N VAL D 205 36.04 6.76 -0.09
CA VAL D 205 35.98 5.71 -1.11
C VAL D 205 35.44 4.46 -0.45
N ASN D 206 34.36 3.92 -1.03
CA ASN D 206 33.60 2.81 -0.46
C ASN D 206 33.51 1.71 -1.49
N HIS D 207 34.05 0.54 -1.17
CA HIS D 207 34.04 -0.62 -2.07
C HIS D 207 33.25 -1.73 -1.38
N LYS D 208 31.96 -1.81 -1.69
CA LYS D 208 31.10 -2.78 -1.04
C LYS D 208 31.52 -4.23 -1.26
N PRO D 209 31.95 -4.66 -2.45
CA PRO D 209 32.37 -6.07 -2.60
C PRO D 209 33.45 -6.50 -1.63
N SER D 210 34.38 -5.61 -1.26
CA SER D 210 35.41 -5.92 -0.28
C SER D 210 35.10 -5.36 1.10
N ASN D 211 33.94 -4.72 1.27
CA ASN D 211 33.52 -4.15 2.55
C ASN D 211 34.55 -3.16 3.11
N THR D 212 35.26 -2.47 2.23
CA THR D 212 36.32 -1.54 2.61
C THR D 212 35.90 -0.10 2.32
N LYS D 213 36.01 0.76 3.33
CA LYS D 213 35.80 2.19 3.17
C LYS D 213 37.08 2.91 3.57
N VAL D 214 37.56 3.79 2.70
CA VAL D 214 38.82 4.49 2.89
C VAL D 214 38.57 5.98 2.79
N ASP D 215 39.13 6.74 3.72
CA ASP D 215 38.99 8.19 3.75
C ASP D 215 40.35 8.84 3.57
N LYS D 216 40.50 9.59 2.48
CA LYS D 216 41.77 10.23 2.15
C LYS D 216 41.61 11.74 2.20
N LYS D 217 42.39 12.39 3.06
CA LYS D 217 42.38 13.84 3.09
C LYS D 217 43.34 14.36 2.01
N VAL D 218 42.85 15.30 1.20
CA VAL D 218 43.64 15.86 0.11
C VAL D 218 44.23 17.18 0.60
N GLU D 219 45.55 17.18 0.82
CA GLU D 219 46.23 18.35 1.33
C GLU D 219 46.63 19.27 0.18
N PRO D 220 46.42 20.58 0.33
CA PRO D 220 46.69 21.50 -0.78
C PRO D 220 48.17 21.81 -0.86
N LYS D 221 48.69 21.83 -2.08
CA LYS D 221 50.08 22.18 -2.33
C LYS D 221 50.19 23.69 -2.55
N SER D 222 51.22 24.30 -1.97
CA SER D 222 51.47 25.71 -2.18
C SER D 222 52.42 25.97 -3.35
N CYS D 223 52.89 24.94 -4.03
CA CYS D 223 53.77 25.10 -5.19
C CYS D 223 52.95 25.37 -6.46
N ASP E 1 -14.36 18.85 26.51
CA ASP E 1 -14.28 18.01 25.32
C ASP E 1 -15.66 17.90 24.68
N ILE E 2 -15.75 17.12 23.60
CA ILE E 2 -17.01 16.89 22.90
C ILE E 2 -17.52 15.51 23.32
N GLN E 3 -18.65 15.48 24.03
CA GLN E 3 -19.27 14.23 24.46
C GLN E 3 -20.40 13.87 23.52
N LEU E 4 -20.52 12.57 23.23
CA LEU E 4 -21.59 12.03 22.41
C LEU E 4 -22.52 11.22 23.29
N THR E 5 -23.82 11.37 23.07
CA THR E 5 -24.85 10.65 23.82
C THR E 5 -25.84 10.07 22.83
N GLN E 6 -26.10 8.77 22.94
CA GLN E 6 -26.97 8.07 22.03
C GLN E 6 -28.31 7.76 22.68
N SER E 7 -29.35 7.68 21.85
CA SER E 7 -30.70 7.36 22.29
C SER E 7 -31.40 6.49 21.25
N PRO E 8 -32.03 5.38 21.65
CA PRO E 8 -32.07 4.92 23.04
C PRO E 8 -30.84 4.06 23.40
N SER E 9 -30.73 3.64 24.65
CA SER E 9 -29.63 2.74 25.02
C SER E 9 -29.89 1.33 24.50
N PHE E 10 -31.14 0.87 24.59
CA PHE E 10 -31.54 -0.44 24.11
C PHE E 10 -32.80 -0.31 23.28
N LEU E 11 -32.91 -1.14 22.24
CA LEU E 11 -34.02 -1.06 21.31
C LEU E 11 -34.30 -2.46 20.78
N SER E 12 -35.58 -2.79 20.67
CA SER E 12 -36.01 -4.10 20.19
C SER E 12 -37.06 -3.88 19.10
N ALA E 13 -36.74 -4.32 17.88
CA ALA E 13 -37.65 -4.19 16.75
C ALA E 13 -37.61 -5.46 15.92
N SER E 14 -38.59 -5.60 15.04
CA SER E 14 -38.77 -6.82 14.27
C SER E 14 -38.28 -6.64 12.83
N VAL E 15 -38.09 -7.77 12.15
CA VAL E 15 -37.61 -7.75 10.77
C VAL E 15 -38.58 -7.00 9.89
N GLY E 16 -38.05 -6.06 9.10
CA GLY E 16 -38.87 -5.21 8.27
C GLY E 16 -39.23 -3.88 8.87
N ASP E 17 -38.97 -3.69 10.17
CA ASP E 17 -39.26 -2.43 10.82
C ASP E 17 -38.24 -1.38 10.43
N ARG E 18 -38.66 -0.13 10.49
CA ARG E 18 -37.74 1.00 10.34
C ARG E 18 -37.30 1.40 11.75
N VAL E 19 -36.00 1.37 11.99
CA VAL E 19 -35.45 1.72 13.30
C VAL E 19 -34.51 2.89 13.13
N THR E 20 -34.54 3.82 14.08
CA THR E 20 -33.75 5.05 14.02
C THR E 20 -33.02 5.24 15.34
N ILE E 21 -31.70 5.31 15.28
CA ILE E 21 -30.86 5.62 16.43
C ILE E 21 -30.46 7.09 16.36
N THR E 22 -30.48 7.75 17.50
CA THR E 22 -30.13 9.17 17.58
C THR E 22 -28.83 9.34 18.35
N CYS E 23 -27.94 10.20 17.84
CA CYS E 23 -26.70 10.56 18.51
C CYS E 23 -26.65 12.07 18.67
N TRP E 24 -26.45 12.52 19.91
CA TRP E 24 -26.37 13.95 20.24
C TRP E 24 -24.96 14.34 20.60
N ALA E 25 -24.47 15.41 19.98
CA ALA E 25 -23.15 15.95 20.30
C ALA E 25 -23.30 17.14 21.23
N SER E 26 -22.41 17.22 22.24
CA SER E 26 -22.47 18.31 23.18
C SER E 26 -22.25 19.66 22.51
N GLN E 27 -21.53 19.67 21.38
CA GLN E 27 -21.35 20.87 20.58
C GLN E 27 -21.07 20.45 19.14
N GLY E 28 -21.18 21.42 18.23
CA GLY E 28 -21.07 21.16 16.81
C GLY E 28 -19.81 20.44 16.41
N ILE E 29 -19.92 19.51 15.45
CA ILE E 29 -18.78 18.74 14.99
C ILE E 29 -18.67 18.82 13.47
N ASN E 30 -19.28 19.84 12.88
CA ASN E 30 -19.28 20.04 11.42
C ASN E 30 -19.81 18.81 10.68
N SER E 31 -20.78 18.13 11.30
CA SER E 31 -21.42 16.95 10.72
C SER E 31 -20.45 15.81 10.45
N TYR E 32 -19.25 15.86 11.03
CA TYR E 32 -18.23 14.82 10.85
C TYR E 32 -18.47 13.77 11.93
N LEU E 33 -19.52 12.98 11.73
CA LEU E 33 -19.93 11.95 12.67
C LEU E 33 -19.91 10.60 11.98
N ALA E 34 -19.28 9.62 12.62
CA ALA E 34 -19.15 8.29 12.08
C ALA E 34 -19.99 7.30 12.88
N TRP E 35 -20.37 6.20 12.22
CA TRP E 35 -21.18 5.17 12.85
C TRP E 35 -20.52 3.81 12.66
N TYR E 36 -20.51 3.02 13.72
CA TYR E 36 -19.91 1.69 13.71
C TYR E 36 -20.94 0.65 14.13
N GLN E 37 -20.80 -0.54 13.55
CA GLN E 37 -21.56 -1.71 13.95
C GLN E 37 -20.62 -2.69 14.60
N GLN E 38 -20.98 -3.20 15.78
CA GLN E 38 -20.13 -4.14 16.49
C GLN E 38 -20.98 -5.30 16.97
N LYS E 39 -20.75 -6.47 16.40
CA LYS E 39 -21.33 -7.70 16.93
C LYS E 39 -20.66 -8.04 18.27
N PRO E 40 -21.37 -8.73 19.16
CA PRO E 40 -20.80 -9.01 20.49
C PRO E 40 -19.46 -9.69 20.39
N GLY E 41 -18.47 -9.12 21.07
CA GLY E 41 -17.13 -9.66 21.09
C GLY E 41 -16.44 -9.71 19.74
N LYS E 42 -16.85 -8.87 18.80
CA LYS E 42 -16.29 -8.87 17.46
C LYS E 42 -15.78 -7.48 17.10
N THR E 43 -15.06 -7.43 15.99
CA THR E 43 -14.41 -6.20 15.55
C THR E 43 -15.46 -5.19 15.08
N PRO E 44 -15.38 -3.93 15.51
CA PRO E 44 -16.31 -2.92 15.00
C PRO E 44 -16.09 -2.66 13.51
N LYS E 45 -17.20 -2.37 12.82
CA LYS E 45 -17.21 -2.17 11.37
C LYS E 45 -17.73 -0.77 11.06
N LEU E 46 -16.99 -0.03 10.26
CA LEU E 46 -17.42 1.31 9.87
C LEU E 46 -18.61 1.24 8.91
N LEU E 47 -19.68 1.96 9.24
CA LEU E 47 -20.88 2.00 8.41
C LEU E 47 -21.00 3.31 7.63
N ILE E 48 -20.98 4.44 8.33
CA ILE E 48 -21.25 5.75 7.77
C ILE E 48 -20.24 6.73 8.32
N TYR E 49 -19.77 7.63 7.47
CA TYR E 49 -18.99 8.78 7.91
C TYR E 49 -19.64 10.04 7.34
N ALA E 50 -19.22 11.19 7.86
CA ALA E 50 -19.79 12.48 7.45
C ALA E 50 -21.31 12.47 7.59
N ALA E 51 -21.78 11.85 8.68
CA ALA E 51 -23.18 11.80 9.08
C ALA E 51 -24.03 10.93 8.16
N SER E 52 -23.83 11.05 6.84
CA SER E 52 -24.71 10.36 5.90
C SER E 52 -24.01 9.67 4.75
N THR E 53 -22.68 9.67 4.70
CA THR E 53 -21.97 9.02 3.60
C THR E 53 -21.78 7.56 3.93
N LEU E 54 -22.37 6.69 3.11
CA LEU E 54 -22.29 5.26 3.34
C LEU E 54 -20.93 4.74 2.91
N GLN E 55 -20.25 4.04 3.80
CA GLN E 55 -18.96 3.43 3.47
C GLN E 55 -19.16 2.33 2.44
N SER E 56 -18.13 2.09 1.62
CA SER E 56 -18.18 1.04 0.62
C SER E 56 -18.40 -0.32 1.27
N GLY E 57 -19.22 -1.15 0.62
CA GLY E 57 -19.50 -2.47 1.14
C GLY E 57 -20.59 -2.53 2.19
N VAL E 58 -21.27 -1.43 2.47
CA VAL E 58 -22.33 -1.39 3.47
C VAL E 58 -23.67 -1.46 2.75
N PRO E 59 -24.61 -2.29 3.21
CA PRO E 59 -25.89 -2.41 2.50
C PRO E 59 -26.66 -1.09 2.47
N SER E 60 -27.41 -0.90 1.38
CA SER E 60 -28.12 0.36 1.16
C SER E 60 -29.25 0.60 2.16
N ARG E 61 -29.65 -0.42 2.94
CA ARG E 61 -30.71 -0.19 3.91
C ARG E 61 -30.26 0.68 5.08
N PHE E 62 -28.95 0.89 5.24
CA PHE E 62 -28.40 1.81 6.23
C PHE E 62 -28.32 3.22 5.69
N SER E 63 -28.70 4.20 6.50
CA SER E 63 -28.61 5.59 6.11
C SER E 63 -28.41 6.46 7.34
N GLY E 64 -27.83 7.65 7.11
CA GLY E 64 -27.59 8.59 8.17
C GLY E 64 -28.08 9.97 7.78
N SER E 65 -28.27 10.80 8.80
CA SER E 65 -28.76 12.16 8.59
C SER E 65 -28.43 12.98 9.84
N GLY E 66 -28.53 14.29 9.69
CA GLY E 66 -28.32 15.16 10.82
C GLY E 66 -27.35 16.29 10.55
N SER E 67 -27.39 17.31 11.40
CA SER E 67 -26.55 18.47 11.27
C SER E 67 -26.57 19.23 12.58
N GLY E 68 -25.44 19.81 12.93
CA GLY E 68 -25.34 20.56 14.18
C GLY E 68 -24.95 19.65 15.34
N THR E 69 -25.89 19.42 16.26
CA THR E 69 -25.65 18.60 17.44
C THR E 69 -26.54 17.38 17.51
N GLU E 70 -27.31 17.09 16.45
CA GLU E 70 -28.22 15.96 16.45
C GLU E 70 -28.08 15.18 15.15
N PHE E 71 -27.84 13.87 15.27
CA PHE E 71 -27.62 13.00 14.13
C PHE E 71 -28.44 11.74 14.26
N THR E 72 -28.66 11.07 13.13
CA THR E 72 -29.54 9.91 13.07
C THR E 72 -28.93 8.82 12.20
N LEU E 73 -29.03 7.59 12.69
CA LEU E 73 -28.73 6.37 11.92
C LEU E 73 -30.03 5.62 11.73
N THR E 74 -30.32 5.24 10.49
CA THR E 74 -31.59 4.60 10.16
C THR E 74 -31.35 3.31 9.41
N ILE E 75 -32.03 2.25 9.84
CA ILE E 75 -32.08 1.00 9.10
C ILE E 75 -33.49 0.91 8.54
N SER E 76 -33.62 0.99 7.22
CA SER E 76 -34.94 1.15 6.59
C SER E 76 -35.79 -0.10 6.75
N SER E 77 -35.15 -1.28 6.70
CA SER E 77 -35.83 -2.55 6.87
C SER E 77 -34.92 -3.47 7.66
N LEU E 78 -35.22 -3.67 8.94
CA LEU E 78 -34.37 -4.48 9.81
C LEU E 78 -34.24 -5.91 9.29
N GLN E 79 -33.02 -6.42 9.32
CA GLN E 79 -32.74 -7.81 8.98
C GLN E 79 -32.22 -8.55 10.20
N PRO E 80 -32.37 -9.88 10.25
CA PRO E 80 -31.91 -10.64 11.43
C PRO E 80 -30.44 -10.46 11.72
N GLU E 81 -29.59 -10.32 10.71
CA GLU E 81 -28.17 -10.12 10.97
C GLU E 81 -27.83 -8.70 11.37
N ASP E 82 -28.81 -7.80 11.43
CA ASP E 82 -28.52 -6.42 11.79
C ASP E 82 -28.45 -6.21 13.29
N PHE E 83 -28.63 -7.25 14.09
CA PHE E 83 -28.56 -7.09 15.52
C PHE E 83 -27.12 -6.87 15.94
N ALA E 84 -26.90 -5.82 16.74
CA ALA E 84 -25.58 -5.42 17.20
C ALA E 84 -25.70 -4.25 18.16
N THR E 85 -24.56 -3.76 18.64
CA THR E 85 -24.50 -2.47 19.31
C THR E 85 -23.90 -1.47 18.34
N TYR E 86 -24.53 -0.30 18.24
CA TYR E 86 -24.13 0.72 17.29
C TYR E 86 -23.55 1.92 18.03
N TYR E 87 -22.39 2.39 17.58
CA TYR E 87 -21.67 3.48 18.20
C TYR E 87 -21.49 4.63 17.21
N CYS E 88 -21.74 5.85 17.68
CA CYS E 88 -21.33 7.05 16.96
C CYS E 88 -19.99 7.54 17.50
N GLN E 89 -19.26 8.26 16.65
CA GLN E 89 -17.89 8.68 16.97
C GLN E 89 -17.57 9.98 16.25
N GLN E 90 -16.85 10.86 16.93
CA GLN E 90 -16.37 12.09 16.35
C GLN E 90 -14.89 12.28 16.68
N LEU E 91 -14.19 12.95 15.78
CA LEU E 91 -12.83 13.40 16.01
C LEU E 91 -12.66 14.75 15.29
N ASN E 92 -13.60 15.66 15.52
CA ASN E 92 -13.47 17.01 15.01
C ASN E 92 -12.49 17.83 15.83
N SER E 93 -12.24 17.41 17.06
CA SER E 93 -11.25 18.01 17.93
C SER E 93 -10.87 16.97 18.97
N TYR E 94 -9.59 16.95 19.33
CA TYR E 94 -9.14 15.99 20.33
C TYR E 94 -9.78 16.31 21.68
N PRO E 95 -10.11 15.29 22.48
CA PRO E 95 -9.87 13.87 22.20
C PRO E 95 -10.99 13.23 21.37
N CYS E 96 -10.68 12.10 20.74
CA CYS E 96 -11.72 11.33 20.08
C CYS E 96 -12.72 10.81 21.11
N SER E 97 -13.99 10.74 20.71
CA SER E 97 -15.03 10.31 21.63
C SER E 97 -16.04 9.43 20.91
N PHE E 98 -16.68 8.56 21.68
CA PHE E 98 -17.73 7.68 21.21
C PHE E 98 -19.01 7.94 21.98
N GLY E 99 -20.14 7.56 21.39
CA GLY E 99 -21.36 7.44 22.14
C GLY E 99 -21.29 6.24 23.05
N GLN E 100 -22.25 6.15 23.97
CA GLN E 100 -22.28 5.01 24.88
C GLN E 100 -22.82 3.74 24.22
N GLY E 101 -23.37 3.84 23.01
CA GLY E 101 -23.82 2.67 22.28
C GLY E 101 -25.31 2.42 22.35
N THR E 102 -25.89 1.94 21.26
CA THR E 102 -27.29 1.52 21.22
C THR E 102 -27.35 0.05 20.83
N THR E 103 -27.92 -0.77 21.72
CA THR E 103 -28.04 -2.19 21.48
C THR E 103 -29.40 -2.50 20.84
N LEU E 104 -29.36 -3.18 19.69
CA LEU E 104 -30.54 -3.42 18.88
C LEU E 104 -30.86 -4.92 18.86
N GLU E 105 -31.96 -5.31 19.49
CA GLU E 105 -32.43 -6.69 19.49
C GLU E 105 -33.47 -6.89 18.39
N ILE E 106 -33.40 -8.04 17.73
CA ILE E 106 -34.35 -8.40 16.68
C ILE E 106 -35.56 -9.08 17.34
N LYS E 107 -36.74 -8.52 17.13
CA LYS E 107 -37.97 -9.08 17.66
C LYS E 107 -38.53 -10.11 16.68
N ARG E 108 -38.91 -11.28 17.20
CA ARG E 108 -39.46 -12.35 16.36
C ARG E 108 -40.56 -13.06 17.12
N THR E 109 -41.18 -14.03 16.47
CA THR E 109 -42.24 -14.78 17.11
C THR E 109 -41.67 -15.68 18.21
N VAL E 110 -42.54 -16.02 19.16
CA VAL E 110 -42.13 -16.86 20.29
C VAL E 110 -41.75 -18.24 19.78
N ALA E 111 -40.59 -18.72 20.23
CA ALA E 111 -40.08 -20.03 19.87
C ALA E 111 -39.80 -20.81 21.14
N ALA E 112 -40.35 -22.00 21.23
CA ALA E 112 -40.14 -22.80 22.44
C ALA E 112 -38.76 -23.44 22.43
N PRO E 113 -38.11 -23.51 23.59
CA PRO E 113 -36.76 -24.10 23.66
C PRO E 113 -36.79 -25.62 23.61
N SER E 114 -35.74 -26.18 23.03
CA SER E 114 -35.46 -27.61 23.11
C SER E 114 -34.56 -27.86 24.31
N VAL E 115 -35.03 -28.68 25.24
CA VAL E 115 -34.34 -28.91 26.50
C VAL E 115 -33.59 -30.24 26.41
N PHE E 116 -32.27 -30.18 26.59
CA PHE E 116 -31.41 -31.36 26.66
C PHE E 116 -30.68 -31.34 28.00
N ILE E 117 -30.31 -32.51 28.50
CA ILE E 117 -29.58 -32.61 29.75
C ILE E 117 -28.38 -33.53 29.57
N PHE E 118 -27.27 -33.18 30.21
CA PHE E 118 -26.03 -33.93 30.07
C PHE E 118 -25.55 -34.39 31.44
N PRO E 119 -25.46 -35.70 31.68
CA PRO E 119 -24.89 -36.19 32.94
C PRO E 119 -23.42 -35.85 33.02
N PRO E 120 -22.84 -35.86 34.22
CA PRO E 120 -21.39 -35.64 34.33
C PRO E 120 -20.62 -36.76 33.67
N SER E 121 -19.49 -36.40 33.07
CA SER E 121 -18.62 -37.42 32.49
C SER E 121 -17.95 -38.22 33.60
N ASP E 122 -17.69 -39.50 33.31
CA ASP E 122 -16.93 -40.30 34.26
C ASP E 122 -15.52 -39.78 34.44
N GLU E 123 -14.98 -39.11 33.43
CA GLU E 123 -13.63 -38.54 33.54
C GLU E 123 -13.60 -37.39 34.53
N GLN E 124 -14.67 -36.60 34.63
CA GLN E 124 -14.70 -35.54 35.62
C GLN E 124 -14.92 -36.09 37.02
N LEU E 125 -15.77 -37.11 37.16
CA LEU E 125 -16.00 -37.71 38.47
C LEU E 125 -14.71 -38.21 39.09
N LYS E 126 -13.78 -38.69 38.26
CA LYS E 126 -12.48 -39.12 38.75
C LYS E 126 -11.72 -37.99 39.43
N SER E 127 -12.04 -36.73 39.12
CA SER E 127 -11.37 -35.58 39.71
C SER E 127 -12.08 -35.03 40.95
N GLY E 128 -13.20 -35.62 41.36
CA GLY E 128 -13.85 -35.23 42.60
C GLY E 128 -14.95 -34.21 42.50
N THR E 129 -15.29 -33.73 41.29
CA THR E 129 -16.36 -32.76 41.12
C THR E 129 -17.30 -33.26 40.02
N ALA E 130 -18.58 -32.89 40.14
CA ALA E 130 -19.60 -33.32 39.19
C ALA E 130 -20.34 -32.10 38.64
N SER E 131 -20.35 -31.98 37.32
CA SER E 131 -21.07 -30.90 36.64
C SER E 131 -22.18 -31.52 35.81
N VAL E 132 -23.41 -31.10 36.05
CA VAL E 132 -24.57 -31.52 35.27
C VAL E 132 -25.00 -30.33 34.42
N VAL E 133 -25.07 -30.53 33.10
CA VAL E 133 -25.33 -29.44 32.16
C VAL E 133 -26.69 -29.66 31.52
N CYS E 134 -27.58 -28.69 31.69
CA CYS E 134 -28.88 -28.66 31.04
C CYS E 134 -28.89 -27.53 30.02
N LEU E 135 -29.33 -27.85 28.81
CA LEU E 135 -29.23 -26.96 27.66
C LEU E 135 -30.60 -26.60 27.13
N LEU E 136 -30.85 -25.29 27.01
CA LEU E 136 -32.03 -24.74 26.34
C LEU E 136 -31.58 -24.20 24.99
N ASN E 137 -32.11 -24.75 23.91
CA ASN E 137 -31.60 -24.47 22.59
C ASN E 137 -32.64 -23.73 21.75
N ASN E 138 -32.20 -22.65 21.11
CA ASN E 138 -32.96 -21.91 20.10
C ASN E 138 -34.36 -21.52 20.57
N PHE E 139 -34.46 -20.46 21.35
CA PHE E 139 -35.75 -20.01 21.87
C PHE E 139 -35.83 -18.49 21.84
N TYR E 140 -37.05 -17.99 22.00
CA TYR E 140 -37.32 -16.56 22.06
C TYR E 140 -38.62 -16.36 22.83
N PRO E 141 -38.71 -15.36 23.71
CA PRO E 141 -37.70 -14.36 24.04
C PRO E 141 -36.62 -14.85 25.00
N ARG E 142 -35.75 -13.92 25.40
CA ARG E 142 -34.61 -14.26 26.25
C ARG E 142 -35.05 -14.76 27.62
N GLU E 143 -36.19 -14.30 28.11
CA GLU E 143 -36.63 -14.63 29.46
C GLU E 143 -36.93 -16.12 29.60
N ALA E 144 -36.31 -16.75 30.60
CA ALA E 144 -36.49 -18.17 30.88
C ALA E 144 -36.08 -18.44 32.33
N LYS E 145 -36.77 -19.39 32.94
CA LYS E 145 -36.50 -19.83 34.30
C LYS E 145 -36.07 -21.29 34.29
N VAL E 146 -34.92 -21.59 34.87
CA VAL E 146 -34.38 -22.94 34.90
C VAL E 146 -34.07 -23.30 36.34
N GLN E 147 -34.80 -24.29 36.88
CA GLN E 147 -34.62 -24.73 38.26
C GLN E 147 -34.09 -26.16 38.27
N TRP E 148 -33.19 -26.43 39.21
CA TRP E 148 -32.60 -27.75 39.38
C TRP E 148 -33.25 -28.49 40.53
N LYS E 149 -33.62 -29.74 40.29
CA LYS E 149 -34.19 -30.62 41.32
C LYS E 149 -33.33 -31.87 41.44
N VAL E 150 -32.96 -32.22 42.66
CA VAL E 150 -32.16 -33.41 42.96
C VAL E 150 -33.03 -34.30 43.83
N ASP E 151 -33.49 -35.41 43.26
CA ASP E 151 -34.53 -36.24 43.86
C ASP E 151 -35.74 -35.39 44.21
N ASN E 152 -36.08 -34.48 43.29
CA ASN E 152 -37.21 -33.56 43.41
C ASN E 152 -37.05 -32.62 44.61
N ALA E 153 -35.80 -32.35 44.98
CA ALA E 153 -35.47 -31.37 46.00
C ALA E 153 -34.85 -30.16 45.31
N LEU E 154 -35.46 -28.99 45.53
CA LEU E 154 -35.05 -27.79 44.81
C LEU E 154 -33.67 -27.34 45.25
N GLN E 155 -32.79 -27.08 44.28
CA GLN E 155 -31.44 -26.61 44.53
C GLN E 155 -31.42 -25.09 44.56
N SER E 156 -30.34 -24.55 45.14
CA SER E 156 -30.21 -23.11 45.27
C SER E 156 -28.74 -22.78 45.53
N GLY E 157 -28.20 -21.85 44.75
CA GLY E 157 -26.84 -21.37 44.97
C GLY E 157 -25.74 -22.25 44.41
N ASN E 158 -26.07 -23.32 43.69
CA ASN E 158 -25.08 -24.22 43.14
C ASN E 158 -25.24 -24.37 41.62
N SER E 159 -25.72 -23.32 40.96
CA SER E 159 -25.91 -23.36 39.52
C SER E 159 -25.63 -21.98 38.93
N GLN E 160 -25.12 -21.98 37.70
CA GLN E 160 -24.84 -20.76 36.97
C GLN E 160 -25.38 -20.90 35.55
N GLU E 161 -25.89 -19.80 35.01
CA GLU E 161 -26.44 -19.76 33.66
C GLU E 161 -25.51 -18.98 32.75
N SER E 162 -25.59 -19.29 31.45
CA SER E 162 -24.88 -18.56 30.42
C SER E 162 -25.77 -18.52 29.19
N VAL E 163 -25.94 -17.33 28.61
CA VAL E 163 -26.83 -17.14 27.48
C VAL E 163 -26.01 -16.68 26.28
N THR E 164 -26.23 -17.32 25.13
CA THR E 164 -25.58 -16.86 23.92
C THR E 164 -26.21 -15.55 23.46
N GLU E 165 -25.51 -14.87 22.56
CA GLU E 165 -26.11 -13.73 21.88
C GLU E 165 -27.12 -14.24 20.85
N GLN E 166 -27.95 -13.32 20.36
CA GLN E 166 -28.96 -13.68 19.38
C GLN E 166 -28.33 -14.31 18.15
N ASP E 167 -28.99 -15.33 17.60
CA ASP E 167 -28.49 -15.94 16.38
C ASP E 167 -28.78 -15.04 15.20
N SER E 168 -27.79 -14.86 14.33
CA SER E 168 -27.92 -13.93 13.21
C SER E 168 -28.85 -14.45 12.11
N LYS E 169 -29.37 -15.67 12.23
CA LYS E 169 -30.28 -16.21 11.22
C LYS E 169 -31.71 -16.33 11.70
N ASP E 170 -31.95 -16.98 12.84
CA ASP E 170 -33.32 -17.15 13.34
C ASP E 170 -33.63 -16.33 14.59
N SER E 171 -32.67 -15.51 15.05
CA SER E 171 -32.90 -14.54 16.12
C SER E 171 -33.30 -15.21 17.43
N THR E 172 -32.83 -16.42 17.66
CA THR E 172 -33.14 -17.17 18.88
C THR E 172 -31.99 -17.10 19.86
N TYR E 173 -32.26 -17.54 21.08
CA TYR E 173 -31.27 -17.61 22.13
C TYR E 173 -31.02 -19.06 22.51
N SER E 174 -29.85 -19.31 23.10
CA SER E 174 -29.53 -20.59 23.69
C SER E 174 -28.98 -20.35 25.09
N LEU E 175 -29.34 -21.21 26.02
CA LEU E 175 -28.97 -21.05 27.41
C LEU E 175 -28.42 -22.36 27.95
N SER E 176 -27.36 -22.26 28.74
CA SER E 176 -26.79 -23.39 29.45
C SER E 176 -26.91 -23.16 30.94
N SER E 177 -27.41 -24.16 31.67
CA SER E 177 -27.47 -24.11 33.12
C SER E 177 -26.61 -25.23 33.69
N THR E 178 -25.62 -24.87 34.50
CA THR E 178 -24.63 -25.83 34.99
C THR E 178 -24.78 -25.98 36.50
N LEU E 179 -25.15 -27.19 36.92
CA LEU E 179 -25.26 -27.53 38.34
C LEU E 179 -23.95 -28.14 38.80
N THR E 180 -23.36 -27.57 39.85
CA THR E 180 -22.05 -27.98 40.33
C THR E 180 -22.21 -28.66 41.68
N LEU E 181 -21.79 -29.92 41.76
CA LEU E 181 -21.85 -30.70 42.99
C LEU E 181 -20.50 -31.37 43.21
N SER E 182 -20.28 -31.80 44.45
CA SER E 182 -19.14 -32.65 44.72
C SER E 182 -19.42 -34.07 44.26
N LYS E 183 -18.34 -34.82 44.05
CA LYS E 183 -18.47 -36.22 43.66
C LYS E 183 -19.24 -37.01 44.71
N ALA E 184 -18.97 -36.75 45.99
CA ALA E 184 -19.66 -37.48 47.06
C ALA E 184 -21.15 -37.17 47.08
N ASP E 185 -21.50 -35.89 46.93
CA ASP E 185 -22.92 -35.53 46.88
C ASP E 185 -23.60 -36.08 45.63
N TYR E 186 -22.89 -36.08 44.49
CA TYR E 186 -23.47 -36.58 43.26
C TYR E 186 -23.81 -38.06 43.37
N GLU E 187 -22.93 -38.84 43.97
CA GLU E 187 -23.15 -40.28 44.09
C GLU E 187 -24.10 -40.65 45.22
N LYS E 188 -24.64 -39.67 45.93
CA LYS E 188 -25.61 -39.93 46.99
C LYS E 188 -27.06 -39.88 46.50
N HIS E 189 -27.29 -39.48 45.26
CA HIS E 189 -28.63 -39.24 44.74
C HIS E 189 -28.80 -39.90 43.38
N LYS E 190 -30.06 -40.01 42.93
CA LYS E 190 -30.40 -40.73 41.71
C LYS E 190 -30.91 -39.82 40.61
N VAL E 191 -32.05 -39.15 40.80
CA VAL E 191 -32.70 -38.39 39.74
C VAL E 191 -32.21 -36.95 39.79
N TYR E 192 -31.67 -36.47 38.66
CA TYR E 192 -31.26 -35.08 38.49
C TYR E 192 -32.10 -34.47 37.38
N ALA E 193 -32.87 -33.42 37.71
CA ALA E 193 -33.81 -32.82 36.78
C ALA E 193 -33.66 -31.32 36.73
N CYS E 194 -33.73 -30.75 35.52
CA CYS E 194 -33.88 -29.31 35.32
C CYS E 194 -35.29 -29.04 34.82
N GLU E 195 -35.98 -28.11 35.47
CA GLU E 195 -37.34 -27.72 35.11
C GLU E 195 -37.28 -26.35 34.44
N VAL E 196 -37.88 -26.24 33.26
CA VAL E 196 -37.73 -25.08 32.40
C VAL E 196 -39.09 -24.42 32.23
N THR E 197 -39.19 -23.16 32.61
CA THR E 197 -40.37 -22.33 32.39
C THR E 197 -40.08 -21.31 31.30
N HIS E 198 -40.96 -21.21 30.32
CA HIS E 198 -40.75 -20.28 29.22
C HIS E 198 -42.11 -19.93 28.61
N GLN E 199 -42.17 -18.75 28.00
CA GLN E 199 -43.43 -18.27 27.44
C GLN E 199 -43.97 -19.19 26.34
N GLY E 200 -43.07 -19.81 25.57
CA GLY E 200 -43.47 -20.71 24.51
C GLY E 200 -43.87 -22.11 24.93
N LEU E 201 -44.00 -22.37 26.23
CA LEU E 201 -44.38 -23.67 26.75
C LEU E 201 -45.67 -23.52 27.55
N SER E 202 -46.69 -24.28 27.18
CA SER E 202 -47.95 -24.21 27.90
C SER E 202 -47.80 -24.67 29.35
N SER E 203 -46.81 -25.51 29.63
CA SER E 203 -46.54 -26.00 30.98
C SER E 203 -45.04 -26.20 31.11
N PRO E 204 -44.48 -26.06 32.32
CA PRO E 204 -43.03 -26.27 32.49
C PRO E 204 -42.61 -27.67 32.10
N VAL E 205 -41.51 -27.74 31.33
CA VAL E 205 -40.94 -29.00 30.86
C VAL E 205 -39.80 -29.40 31.78
N THR E 206 -39.70 -30.70 32.07
CA THR E 206 -38.69 -31.23 32.96
C THR E 206 -37.88 -32.29 32.21
N LYS E 207 -36.57 -32.11 32.19
CA LYS E 207 -35.65 -33.07 31.59
C LYS E 207 -34.77 -33.66 32.69
N SER E 208 -34.76 -34.98 32.82
CA SER E 208 -34.07 -35.63 33.92
C SER E 208 -33.37 -36.90 33.43
N PHE E 209 -32.50 -37.43 34.29
CA PHE E 209 -31.87 -38.72 34.05
C PHE E 209 -31.57 -39.38 35.39
N ASN E 210 -31.49 -40.70 35.38
CA ASN E 210 -31.08 -41.46 36.55
C ASN E 210 -29.58 -41.69 36.47
N ARG E 211 -28.88 -41.39 37.57
CA ARG E 211 -27.43 -41.59 37.61
C ARG E 211 -27.12 -43.07 37.44
N GLY E 212 -26.31 -43.39 36.44
CA GLY E 212 -25.90 -44.76 36.18
C GLY E 212 -26.52 -45.33 34.92
N GLU E 213 -27.68 -44.82 34.52
CA GLU E 213 -28.34 -45.30 33.31
C GLU E 213 -27.76 -44.65 32.06
N ASP F 1 9.07 -14.01 -31.58
CA ASP F 1 8.77 -13.00 -30.57
C ASP F 1 8.68 -11.62 -31.23
N ILE F 2 8.42 -10.59 -30.44
CA ILE F 2 8.27 -9.23 -30.95
C ILE F 2 9.56 -8.46 -30.70
N GLN F 3 10.24 -8.08 -31.77
CA GLN F 3 11.46 -7.30 -31.68
C GLN F 3 11.18 -5.82 -31.91
N LEU F 4 11.82 -4.97 -31.11
CA LEU F 4 11.68 -3.53 -31.23
C LEU F 4 12.99 -2.95 -31.76
N THR F 5 12.88 -2.01 -32.70
CA THR F 5 14.04 -1.38 -33.29
C THR F 5 13.85 0.12 -33.28
N GLN F 6 14.84 0.83 -32.74
CA GLN F 6 14.76 2.27 -32.58
C GLN F 6 15.65 2.97 -33.60
N SER F 7 15.24 4.18 -34.00
CA SER F 7 16.01 4.95 -34.95
C SER F 7 15.90 6.43 -34.58
N PRO F 8 17.02 7.16 -34.56
CA PRO F 8 18.36 6.63 -34.80
C PRO F 8 18.97 6.04 -33.52
N SER F 9 20.17 5.47 -33.63
CA SER F 9 20.85 4.99 -32.44
C SER F 9 21.42 6.15 -31.62
N PHE F 10 21.91 7.18 -32.30
CA PHE F 10 22.44 8.36 -31.65
C PHE F 10 21.86 9.61 -32.28
N LEU F 11 21.65 10.62 -31.44
CA LEU F 11 21.00 11.86 -31.87
C LEU F 11 21.59 13.02 -31.08
N SER F 12 21.84 14.13 -31.77
CA SER F 12 22.41 15.32 -31.16
C SER F 12 21.58 16.52 -31.57
N ALA F 13 20.95 17.17 -30.59
CA ALA F 13 20.14 18.36 -30.87
C ALA F 13 20.36 19.39 -29.77
N SER F 14 19.92 20.61 -30.06
CA SER F 14 20.20 21.76 -29.22
C SER F 14 19.02 22.09 -28.32
N VAL F 15 19.29 22.88 -27.29
CA VAL F 15 18.25 23.29 -26.36
C VAL F 15 17.19 24.08 -27.12
N GLY F 16 15.93 23.68 -26.94
CA GLY F 16 14.82 24.28 -27.64
C GLY F 16 14.42 23.58 -28.92
N ASP F 17 15.24 22.65 -29.41
CA ASP F 17 14.90 21.90 -30.61
C ASP F 17 13.86 20.83 -30.31
N ARG F 18 13.10 20.47 -31.36
CA ARG F 18 12.16 19.36 -31.32
C ARG F 18 12.84 18.11 -31.86
N VAL F 19 12.82 17.03 -31.06
CA VAL F 19 13.43 15.76 -31.45
C VAL F 19 12.36 14.68 -31.46
N THR F 20 12.52 13.74 -32.39
CA THR F 20 11.59 12.63 -32.57
C THR F 20 12.39 11.33 -32.67
N ILE F 21 12.10 10.40 -31.77
CA ILE F 21 12.66 9.05 -31.82
C ILE F 21 11.63 8.10 -32.39
N THR F 22 12.08 7.16 -33.21
CA THR F 22 11.19 6.18 -33.81
C THR F 22 11.47 4.79 -33.25
N CYS F 23 10.40 4.06 -32.94
CA CYS F 23 10.47 2.67 -32.51
C CYS F 23 9.61 1.84 -33.44
N TRP F 24 10.18 0.78 -34.02
CA TRP F 24 9.47 -0.11 -34.91
C TRP F 24 9.29 -1.47 -34.24
N ALA F 25 8.06 -1.99 -34.28
CA ALA F 25 7.76 -3.32 -33.77
C ALA F 25 7.67 -4.32 -34.93
N SER F 26 8.21 -5.51 -34.72
CA SER F 26 8.19 -6.53 -35.75
C SER F 26 6.77 -6.96 -36.13
N GLN F 27 5.80 -6.79 -35.23
CA GLN F 27 4.40 -7.05 -35.55
C GLN F 27 3.53 -6.15 -34.68
N GLY F 28 2.29 -5.95 -35.12
CA GLY F 28 1.43 -4.99 -34.46
C GLY F 28 1.23 -5.28 -32.99
N ILE F 29 1.22 -4.21 -32.18
CA ILE F 29 0.99 -4.32 -30.74
C ILE F 29 -0.07 -3.32 -30.31
N ASN F 30 -0.90 -2.88 -31.25
CA ASN F 30 -1.93 -1.84 -31.05
C ASN F 30 -1.19 -0.59 -30.56
N SER F 31 -1.66 0.08 -29.52
CA SER F 31 -0.99 1.24 -28.98
C SER F 31 -0.21 0.90 -27.72
N TYR F 32 0.00 -0.37 -27.41
CA TYR F 32 0.61 -0.72 -26.12
C TYR F 32 2.15 -0.73 -26.23
N LEU F 33 2.69 0.48 -26.31
CA LEU F 33 4.12 0.72 -26.38
C LEU F 33 4.48 1.71 -25.28
N ALA F 34 5.54 1.42 -24.54
CA ALA F 34 5.99 2.28 -23.45
C ALA F 34 7.34 2.89 -23.79
N TRP F 35 7.64 4.02 -23.15
CA TRP F 35 8.91 4.72 -23.34
C TRP F 35 9.59 4.99 -22.02
N TYR F 36 10.90 4.79 -21.98
CA TYR F 36 11.69 5.03 -20.77
C TYR F 36 12.83 5.99 -21.05
N GLN F 37 13.16 6.78 -20.04
CA GLN F 37 14.33 7.65 -20.04
C GLN F 37 15.33 7.08 -19.03
N GLN F 38 16.60 6.93 -19.43
CA GLN F 38 17.62 6.40 -18.54
C GLN F 38 18.89 7.23 -18.64
N LYS F 39 19.24 7.91 -17.56
CA LYS F 39 20.54 8.53 -17.44
C LYS F 39 21.61 7.45 -17.29
N PRO F 40 22.84 7.72 -17.74
CA PRO F 40 23.89 6.68 -17.70
C PRO F 40 24.06 6.11 -16.30
N GLY F 41 23.97 4.78 -16.20
CA GLY F 41 24.13 4.10 -14.93
C GLY F 41 23.08 4.43 -13.90
N LYS F 42 21.90 4.86 -14.33
CA LYS F 42 20.84 5.27 -13.41
C LYS F 42 19.58 4.48 -13.70
N THR F 43 18.63 4.61 -12.79
CA THR F 43 17.40 3.85 -12.89
C THR F 43 16.57 4.35 -14.06
N PRO F 44 16.04 3.46 -14.90
CA PRO F 44 15.15 3.91 -15.99
C PRO F 44 13.87 4.52 -15.42
N LYS F 45 13.37 5.53 -16.11
CA LYS F 45 12.20 6.27 -15.68
C LYS F 45 11.11 6.16 -16.75
N LEU F 46 9.93 5.73 -16.33
CA LEU F 46 8.80 5.62 -17.25
C LEU F 46 8.32 7.02 -17.64
N LEU F 47 8.23 7.27 -18.95
CA LEU F 47 7.76 8.54 -19.48
C LEU F 47 6.36 8.44 -20.05
N ILE F 48 6.16 7.51 -20.97
CA ILE F 48 4.93 7.40 -21.72
C ILE F 48 4.54 5.94 -21.80
N TYR F 49 3.25 5.66 -21.61
CA TYR F 49 2.69 4.35 -21.91
C TYR F 49 1.51 4.55 -22.85
N ALA F 50 1.04 3.45 -23.43
CA ALA F 50 -0.05 3.49 -24.40
C ALA F 50 0.28 4.41 -25.56
N ALA F 51 1.54 4.39 -25.99
CA ALA F 51 2.05 5.14 -27.14
C ALA F 51 2.08 6.65 -26.89
N SER F 52 1.03 7.22 -26.29
CA SER F 52 0.95 8.66 -26.14
C SER F 52 0.44 9.14 -24.78
N THR F 53 0.21 8.26 -23.82
CA THR F 53 -0.28 8.67 -22.51
C THR F 53 0.90 9.04 -21.63
N LEU F 54 0.95 10.31 -21.22
CA LEU F 54 2.03 10.83 -20.40
C LEU F 54 1.87 10.37 -18.96
N GLN F 55 2.90 9.74 -18.41
CA GLN F 55 2.87 9.35 -17.01
C GLN F 55 2.89 10.56 -16.10
N SER F 56 2.25 10.45 -14.94
CA SER F 56 2.21 11.55 -14.00
C SER F 56 3.64 11.94 -13.61
N GLY F 57 3.85 13.25 -13.46
CA GLY F 57 5.15 13.78 -13.11
C GLY F 57 6.11 13.97 -14.25
N VAL F 58 5.68 13.75 -15.49
CA VAL F 58 6.52 13.91 -16.67
C VAL F 58 6.21 15.25 -17.32
N PRO F 59 7.21 16.05 -17.68
CA PRO F 59 6.92 17.37 -18.27
C PRO F 59 6.15 17.24 -19.57
N SER F 60 5.30 18.23 -19.85
CA SER F 60 4.43 18.21 -21.02
C SER F 60 5.20 18.28 -22.33
N ARG F 61 6.49 18.63 -22.30
CA ARG F 61 7.25 18.66 -23.54
C ARG F 61 7.49 17.27 -24.12
N PHE F 62 7.24 16.21 -23.33
CA PHE F 62 7.30 14.85 -23.83
C PHE F 62 5.94 14.46 -24.40
N SER F 63 5.94 13.83 -25.57
CA SER F 63 4.72 13.34 -26.19
C SER F 63 5.08 12.14 -27.07
N GLY F 64 4.07 11.30 -27.30
CA GLY F 64 4.26 10.13 -28.11
C GLY F 64 3.14 10.00 -29.12
N SER F 65 3.39 9.17 -30.14
CA SER F 65 2.40 8.95 -31.18
C SER F 65 2.70 7.62 -31.85
N GLY F 66 1.67 7.06 -32.49
CA GLY F 66 1.84 5.81 -33.20
C GLY F 66 0.86 4.72 -32.77
N SER F 67 0.73 3.70 -33.60
CA SER F 67 -0.13 2.54 -33.36
C SER F 67 0.26 1.45 -34.34
N GLY F 68 0.19 0.22 -33.91
CA GLY F 68 0.56 -0.89 -34.79
C GLY F 68 2.05 -1.23 -34.69
N THR F 69 2.81 -0.93 -35.74
CA THR F 69 4.22 -1.26 -35.77
C THR F 69 5.13 -0.05 -35.84
N GLU F 70 4.59 1.16 -35.79
CA GLU F 70 5.41 2.36 -35.86
C GLU F 70 4.97 3.37 -34.81
N PHE F 71 5.92 3.80 -33.98
CA PHE F 71 5.65 4.72 -32.89
C PHE F 71 6.71 5.79 -32.87
N THR F 72 6.40 6.92 -32.24
CA THR F 72 7.33 8.03 -32.15
C THR F 72 7.26 8.65 -30.75
N LEU F 73 8.43 9.00 -30.23
CA LEU F 73 8.57 9.78 -29.02
C LEU F 73 9.12 11.15 -29.42
N THR F 74 8.47 12.21 -28.95
CA THR F 74 8.82 13.57 -29.35
C THR F 74 9.04 14.44 -28.13
N ILE F 75 10.15 15.15 -28.10
CA ILE F 75 10.40 16.19 -27.10
C ILE F 75 10.31 17.52 -27.81
N SER F 76 9.29 18.31 -27.47
CA SER F 76 8.96 19.50 -28.24
C SER F 76 9.96 20.62 -28.06
N SER F 77 10.54 20.77 -26.87
CA SER F 77 11.54 21.81 -26.61
C SER F 77 12.63 21.20 -25.74
N LEU F 78 13.76 20.86 -26.35
CA LEU F 78 14.82 20.17 -25.64
C LEU F 78 15.36 21.02 -24.50
N GLN F 79 15.54 20.40 -23.34
CA GLN F 79 16.14 21.00 -22.17
C GLN F 79 17.47 20.32 -21.87
N PRO F 80 18.39 21.00 -21.18
CA PRO F 80 19.71 20.38 -20.92
C PRO F 80 19.63 19.05 -20.19
N GLU F 81 18.66 18.90 -19.26
CA GLU F 81 18.53 17.66 -18.50
C GLU F 81 17.85 16.56 -19.29
N ASP F 82 17.47 16.81 -20.53
CA ASP F 82 16.80 15.79 -21.32
C ASP F 82 17.77 14.82 -21.98
N PHE F 83 19.07 14.99 -21.77
CA PHE F 83 20.02 14.06 -22.36
C PHE F 83 19.96 12.74 -21.62
N ALA F 84 19.85 11.64 -22.38
CA ALA F 84 19.73 10.30 -21.83
C ALA F 84 19.69 9.28 -22.95
N THR F 85 19.56 8.02 -22.62
CA THR F 85 19.22 6.98 -23.58
C THR F 85 17.74 6.64 -23.39
N TYR F 86 16.99 6.60 -24.48
CA TYR F 86 15.55 6.36 -24.43
C TYR F 86 15.24 5.00 -25.01
N TYR F 87 14.44 4.22 -24.29
CA TYR F 87 14.10 2.86 -24.68
C TYR F 87 12.58 2.73 -24.83
N CYS F 88 12.15 2.06 -25.89
CA CYS F 88 10.77 1.63 -25.99
C CYS F 88 10.63 0.19 -25.49
N GLN F 89 9.44 -0.15 -25.04
CA GLN F 89 9.21 -1.45 -24.42
C GLN F 89 7.78 -1.90 -24.68
N GLN F 90 7.61 -3.19 -24.93
CA GLN F 90 6.30 -3.80 -25.12
C GLN F 90 6.21 -5.09 -24.31
N LEU F 91 5.00 -5.38 -23.85
CA LEU F 91 4.67 -6.66 -23.24
C LEU F 91 3.23 -7.00 -23.63
N ASN F 92 2.94 -6.89 -24.93
CA ASN F 92 1.63 -7.29 -25.42
C ASN F 92 1.50 -8.80 -25.53
N SER F 93 2.63 -9.51 -25.59
CA SER F 93 2.68 -10.96 -25.56
C SER F 93 4.09 -11.34 -25.12
N TYR F 94 4.20 -12.40 -24.33
CA TYR F 94 5.50 -12.83 -23.87
C TYR F 94 6.36 -13.28 -25.06
N PRO F 95 7.68 -13.02 -25.02
CA PRO F 95 8.36 -12.34 -23.92
C PRO F 95 8.32 -10.81 -24.03
N CYS F 96 8.58 -10.15 -22.91
CA CYS F 96 8.76 -8.71 -22.92
C CYS F 96 10.04 -8.35 -23.69
N SER F 97 10.01 -7.22 -24.40
CA SER F 97 11.13 -6.82 -25.21
C SER F 97 11.34 -5.31 -25.15
N PHE F 98 12.59 -4.90 -25.39
CA PHE F 98 12.97 -3.49 -25.45
C PHE F 98 13.59 -3.20 -26.82
N GLY F 99 13.57 -1.91 -27.18
CA GLY F 99 14.40 -1.46 -28.27
C GLY F 99 15.85 -1.42 -27.83
N GLN F 100 16.76 -1.25 -28.80
CA GLN F 100 18.17 -1.21 -28.47
C GLN F 100 18.60 0.11 -27.83
N GLY F 101 17.74 1.12 -27.84
CA GLY F 101 18.03 2.38 -27.19
C GLY F 101 18.47 3.48 -28.15
N THR F 102 18.04 4.71 -27.88
CA THR F 102 18.48 5.89 -28.62
C THR F 102 19.14 6.84 -27.63
N THR F 103 20.41 7.17 -27.88
CA THR F 103 21.14 8.09 -27.02
C THR F 103 21.03 9.50 -27.57
N LEU F 104 20.63 10.42 -26.71
CA LEU F 104 20.36 11.81 -27.10
C LEU F 104 21.39 12.71 -26.43
N GLU F 105 22.26 13.32 -27.23
CA GLU F 105 23.25 14.28 -26.74
C GLU F 105 22.70 15.69 -26.92
N ILE F 106 22.98 16.54 -25.94
CA ILE F 106 22.58 17.95 -26.02
C ILE F 106 23.67 18.72 -26.74
N LYS F 107 23.31 19.35 -27.86
CA LYS F 107 24.26 20.12 -28.66
C LYS F 107 24.28 21.55 -28.15
N ARG F 108 25.49 22.10 -27.99
CA ARG F 108 25.69 23.46 -27.50
C ARG F 108 26.86 24.08 -28.22
N THR F 109 27.14 25.34 -27.90
CA THR F 109 28.25 26.04 -28.53
C THR F 109 29.58 25.47 -28.06
N VAL F 110 30.60 25.67 -28.89
CA VAL F 110 31.93 25.15 -28.60
C VAL F 110 32.46 25.81 -27.34
N ALA F 111 32.93 24.99 -26.40
CA ALA F 111 33.51 25.46 -25.14
C ALA F 111 34.89 24.84 -25.00
N ALA F 112 35.92 25.69 -24.80
CA ALA F 112 37.29 25.20 -24.70
C ALA F 112 37.53 24.60 -23.32
N PRO F 113 38.30 23.51 -23.24
CA PRO F 113 38.53 22.88 -21.94
C PRO F 113 39.52 23.65 -21.10
N SER F 114 39.31 23.59 -19.79
CA SER F 114 40.29 24.04 -18.82
C SER F 114 41.14 22.84 -18.45
N VAL F 115 42.44 22.92 -18.71
CA VAL F 115 43.34 21.79 -18.60
C VAL F 115 44.15 21.89 -17.31
N PHE F 116 44.04 20.88 -16.46
CA PHE F 116 44.85 20.76 -15.25
C PHE F 116 45.63 19.46 -15.29
N ILE F 117 46.77 19.43 -14.62
CA ILE F 117 47.62 18.25 -14.57
C ILE F 117 47.99 17.98 -13.11
N PHE F 118 48.06 16.70 -12.74
CA PHE F 118 48.33 16.28 -11.38
C PHE F 118 49.54 15.36 -11.31
N PRO F 119 50.61 15.75 -10.61
CA PRO F 119 51.75 14.85 -10.40
C PRO F 119 51.37 13.65 -9.55
N PRO F 120 52.15 12.57 -9.61
CA PRO F 120 51.89 11.44 -8.73
C PRO F 120 52.08 11.81 -7.27
N SER F 121 51.24 11.23 -6.41
CA SER F 121 51.39 11.45 -4.98
C SER F 121 52.65 10.77 -4.47
N ASP F 122 53.26 11.38 -3.45
CA ASP F 122 54.42 10.75 -2.84
C ASP F 122 54.05 9.41 -2.21
N GLU F 123 52.79 9.26 -1.78
CA GLU F 123 52.35 8.00 -1.20
C GLU F 123 52.28 6.88 -2.24
N GLN F 124 51.92 7.21 -3.48
CA GLN F 124 51.90 6.19 -4.53
C GLN F 124 53.30 5.81 -4.97
N LEU F 125 54.21 6.78 -5.05
CA LEU F 125 55.59 6.47 -5.43
C LEU F 125 56.22 5.45 -4.50
N LYS F 126 55.90 5.50 -3.21
CA LYS F 126 56.43 4.52 -2.27
C LYS F 126 56.03 3.10 -2.64
N SER F 127 54.97 2.92 -3.42
CA SER F 127 54.51 1.61 -3.85
C SER F 127 55.12 1.19 -5.19
N GLY F 128 55.97 2.01 -5.79
CA GLY F 128 56.69 1.62 -6.98
C GLY F 128 56.03 1.99 -8.29
N THR F 129 54.89 2.66 -8.25
CA THR F 129 54.17 3.04 -9.45
C THR F 129 53.87 4.53 -9.42
N ALA F 130 53.86 5.15 -10.59
CA ALA F 130 53.62 6.58 -10.71
C ALA F 130 52.49 6.80 -11.71
N SER F 131 51.44 7.49 -11.27
CA SER F 131 50.31 7.85 -12.11
C SER F 131 50.26 9.36 -12.26
N VAL F 132 50.31 9.82 -13.51
CA VAL F 132 50.20 11.23 -13.84
C VAL F 132 48.83 11.46 -14.46
N VAL F 133 48.06 12.38 -13.89
CA VAL F 133 46.67 12.59 -14.28
C VAL F 133 46.54 13.96 -14.94
N CYS F 134 46.00 13.98 -16.15
CA CYS F 134 45.69 15.21 -16.86
C CYS F 134 44.18 15.35 -16.90
N LEU F 135 43.68 16.53 -16.56
CA LEU F 135 42.24 16.76 -16.43
C LEU F 135 41.80 17.82 -17.42
N LEU F 136 40.81 17.48 -18.25
CA LEU F 136 40.15 18.41 -19.16
C LEU F 136 38.74 18.68 -18.63
N ASN F 137 38.46 19.94 -18.29
CA ASN F 137 37.26 20.29 -17.54
C ASN F 137 36.30 21.14 -18.38
N ASN F 138 35.03 20.76 -18.37
CA ASN F 138 33.93 21.54 -18.94
C ASN F 138 34.19 21.99 -20.38
N PHE F 139 34.01 21.09 -21.35
CA PHE F 139 34.24 21.41 -22.75
C PHE F 139 33.16 20.77 -23.61
N TYR F 140 33.07 21.25 -24.86
CA TYR F 140 32.16 20.72 -25.86
C TYR F 140 32.71 21.07 -27.24
N PRO F 141 32.67 20.17 -28.22
CA PRO F 141 32.12 18.81 -28.13
C PRO F 141 33.05 17.81 -27.46
N ARG F 142 32.60 16.55 -27.41
CA ARG F 142 33.33 15.50 -26.69
C ARG F 142 34.65 15.15 -27.37
N GLU F 143 34.74 15.31 -28.68
CA GLU F 143 35.95 14.94 -29.40
C GLU F 143 37.12 15.79 -28.93
N ALA F 144 38.20 15.11 -28.54
CA ALA F 144 39.39 15.78 -28.04
C ALA F 144 40.58 14.85 -28.20
N LYS F 145 41.75 15.43 -28.41
CA LYS F 145 42.98 14.67 -28.54
C LYS F 145 43.88 15.04 -27.37
N VAL F 146 44.31 14.04 -26.61
CA VAL F 146 45.14 14.24 -25.43
C VAL F 146 46.37 13.34 -25.54
N GLN F 147 47.54 13.95 -25.72
CA GLN F 147 48.78 13.23 -25.86
C GLN F 147 49.70 13.49 -24.67
N TRP F 148 50.44 12.47 -24.27
CA TRP F 148 51.40 12.59 -23.18
C TRP F 148 52.79 12.74 -23.77
N LYS F 149 53.52 13.74 -23.32
CA LYS F 149 54.90 13.97 -23.75
C LYS F 149 55.77 13.98 -22.50
N VAL F 150 56.83 13.19 -22.54
CA VAL F 150 57.78 13.07 -21.45
C VAL F 150 59.13 13.55 -21.98
N ASP F 151 59.56 14.73 -21.50
CA ASP F 151 60.69 15.45 -22.09
C ASP F 151 60.48 15.66 -23.58
N ASN F 152 59.25 16.00 -23.95
CA ASN F 152 58.85 16.25 -25.34
C ASN F 152 58.98 15.01 -26.21
N ALA F 153 58.84 13.82 -25.60
CA ALA F 153 58.81 12.56 -26.32
C ALA F 153 57.40 11.98 -26.24
N LEU F 154 56.80 11.73 -27.41
CA LEU F 154 55.42 11.29 -27.47
C LEU F 154 55.29 9.89 -26.89
N GLN F 155 54.35 9.72 -25.96
CA GLN F 155 54.10 8.43 -25.33
C GLN F 155 53.05 7.64 -26.10
N SER F 156 52.99 6.34 -25.81
CA SER F 156 52.06 5.46 -26.51
C SER F 156 51.87 4.18 -25.69
N GLY F 157 50.60 3.82 -25.44
CA GLY F 157 50.28 2.57 -24.78
C GLY F 157 50.36 2.56 -23.27
N ASN F 158 50.67 3.69 -22.64
CA ASN F 158 50.78 3.76 -21.18
C ASN F 158 49.82 4.81 -20.61
N SER F 159 48.70 5.05 -21.28
CA SER F 159 47.73 6.02 -20.82
C SER F 159 46.32 5.54 -21.14
N GLN F 160 45.38 5.91 -20.27
CA GLN F 160 43.97 5.58 -20.43
C GLN F 160 43.13 6.82 -20.19
N GLU F 161 42.06 6.95 -20.96
CA GLU F 161 41.16 8.09 -20.87
C GLU F 161 39.84 7.68 -20.26
N SER F 162 39.17 8.64 -19.64
CA SER F 162 37.82 8.43 -19.15
C SER F 162 37.05 9.74 -19.30
N VAL F 163 35.87 9.67 -19.88
CA VAL F 163 35.06 10.85 -20.15
C VAL F 163 33.76 10.74 -19.37
N THR F 164 33.40 11.81 -18.68
CA THR F 164 32.15 11.85 -17.95
C THR F 164 30.97 11.92 -18.92
N GLU F 165 29.78 11.63 -18.39
CA GLU F 165 28.59 11.92 -19.16
C GLU F 165 28.36 13.43 -19.20
N GLN F 166 27.50 13.85 -20.11
CA GLN F 166 27.21 15.28 -20.27
C GLN F 166 26.64 15.85 -18.97
N ASP F 167 27.05 17.07 -18.64
CA ASP F 167 26.51 17.73 -17.46
C ASP F 167 25.09 18.20 -17.73
N SER F 168 24.20 17.97 -16.77
CA SER F 168 22.78 18.28 -16.96
C SER F 168 22.48 19.77 -16.92
N LYS F 169 23.47 20.63 -16.65
CA LYS F 169 23.25 22.07 -16.58
C LYS F 169 23.87 22.80 -17.77
N ASP F 170 25.15 22.59 -18.06
CA ASP F 170 25.81 23.29 -19.16
C ASP F 170 26.17 22.37 -20.33
N SER F 171 25.81 21.09 -20.27
CA SER F 171 25.96 20.16 -21.39
C SER F 171 27.41 20.00 -21.84
N THR F 172 28.35 20.18 -20.93
CA THR F 172 29.76 20.02 -21.25
C THR F 172 30.26 18.66 -20.80
N TYR F 173 31.48 18.32 -21.26
CA TYR F 173 32.14 17.08 -20.89
C TYR F 173 33.40 17.38 -20.08
N SER F 174 33.83 16.39 -19.30
CA SER F 174 35.11 16.43 -18.62
C SER F 174 35.84 15.12 -18.87
N LEU F 175 37.15 15.22 -19.07
CA LEU F 175 37.96 14.08 -19.45
C LEU F 175 39.19 14.01 -18.56
N SER F 176 39.51 12.79 -18.12
CA SER F 176 40.73 12.50 -17.38
C SER F 176 41.57 11.55 -18.21
N SER F 177 42.84 11.88 -18.37
CA SER F 177 43.82 11.01 -19.03
C SER F 177 44.91 10.70 -18.02
N THR F 178 45.14 9.41 -17.78
CA THR F 178 46.08 8.95 -16.76
C THR F 178 47.25 8.24 -17.41
N LEU F 179 48.44 8.80 -17.25
CA LEU F 179 49.69 8.20 -17.69
C LEU F 179 50.27 7.39 -16.54
N THR F 180 50.54 6.10 -16.78
CA THR F 180 51.04 5.19 -15.75
C THR F 180 52.45 4.74 -16.07
N LEU F 181 53.38 5.00 -15.16
CA LEU F 181 54.78 4.60 -15.29
C LEU F 181 55.25 3.93 -14.02
N SER F 182 56.37 3.23 -14.12
CA SER F 182 57.03 2.72 -12.93
C SER F 182 57.77 3.85 -12.22
N LYS F 183 58.07 3.62 -10.95
CA LYS F 183 58.83 4.62 -10.19
C LYS F 183 60.18 4.89 -10.85
N ALA F 184 60.86 3.85 -11.31
CA ALA F 184 62.16 4.04 -11.94
C ALA F 184 62.04 4.82 -13.24
N ASP F 185 61.06 4.47 -14.08
CA ASP F 185 60.86 5.22 -15.32
C ASP F 185 60.43 6.64 -15.02
N TYR F 186 59.60 6.84 -14.00
CA TYR F 186 59.14 8.18 -13.68
C TYR F 186 60.30 9.07 -13.25
N GLU F 187 61.19 8.54 -12.41
CA GLU F 187 62.32 9.32 -11.92
C GLU F 187 63.44 9.43 -12.95
N LYS F 188 63.24 8.89 -14.14
CA LYS F 188 64.21 8.97 -15.23
C LYS F 188 64.04 10.22 -16.08
N HIS F 189 62.96 10.98 -15.86
CA HIS F 189 62.63 12.11 -16.70
C HIS F 189 62.26 13.32 -15.83
N LYS F 190 62.19 14.48 -16.48
CA LYS F 190 61.98 15.75 -15.79
C LYS F 190 60.63 16.36 -16.12
N VAL F 191 60.40 16.72 -17.37
CA VAL F 191 59.19 17.44 -17.76
C VAL F 191 58.12 16.42 -18.17
N TYR F 192 56.96 16.49 -17.52
CA TYR F 192 55.79 15.70 -17.87
C TYR F 192 54.72 16.65 -18.36
N ALA F 193 54.32 16.46 -19.61
CA ALA F 193 53.46 17.42 -20.30
C ALA F 193 52.22 16.72 -20.82
N CYS F 194 51.09 17.40 -20.67
CA CYS F 194 49.81 17.03 -21.25
C CYS F 194 49.52 18.00 -22.40
N GLU F 195 49.31 17.48 -23.60
CA GLU F 195 48.99 18.28 -24.77
C GLU F 195 47.55 18.04 -25.22
N VAL F 196 46.77 19.11 -25.33
CA VAL F 196 45.34 19.03 -25.56
C VAL F 196 44.99 19.71 -26.88
N THR F 197 44.38 18.97 -27.79
CA THR F 197 43.85 19.52 -29.03
C THR F 197 42.33 19.44 -28.99
N HIS F 198 41.66 20.55 -29.30
CA HIS F 198 40.22 20.61 -29.25
C HIS F 198 39.73 21.71 -30.18
N GLN F 199 38.48 21.57 -30.63
CA GLN F 199 37.92 22.54 -31.57
C GLN F 199 37.88 23.95 -30.98
N GLY F 200 37.67 24.08 -29.67
CA GLY F 200 37.64 25.36 -29.01
C GLY F 200 38.99 25.98 -28.72
N LEU F 201 40.07 25.39 -29.23
CA LEU F 201 41.43 25.88 -29.03
C LEU F 201 42.02 26.19 -30.38
N SER F 202 42.45 27.44 -30.58
CA SER F 202 43.05 27.81 -31.86
C SER F 202 44.35 27.05 -32.11
N SER F 203 45.01 26.62 -31.04
CA SER F 203 46.27 25.89 -31.11
C SER F 203 46.28 24.89 -29.96
N PRO F 204 46.99 23.76 -30.09
CA PRO F 204 47.06 22.80 -28.99
C PRO F 204 47.66 23.43 -27.74
N VAL F 205 47.01 23.18 -26.61
CA VAL F 205 47.42 23.70 -25.31
C VAL F 205 48.22 22.63 -24.57
N THR F 206 49.27 23.05 -23.87
CA THR F 206 50.14 22.14 -23.14
C THR F 206 50.15 22.54 -21.67
N LYS F 207 49.83 21.59 -20.80
CA LYS F 207 49.94 21.76 -19.36
C LYS F 207 51.01 20.79 -18.87
N SER F 208 52.02 21.31 -18.20
CA SER F 208 53.18 20.51 -17.84
C SER F 208 53.63 20.86 -16.42
N PHE F 209 54.54 20.03 -15.89
CA PHE F 209 55.20 20.29 -14.61
C PHE F 209 56.58 19.66 -14.64
N ASN F 210 57.46 20.20 -13.80
CA ASN F 210 58.79 19.62 -13.59
C ASN F 210 58.71 18.65 -12.41
N ARG F 211 59.21 17.43 -12.61
CA ARG F 211 59.19 16.44 -11.55
C ARG F 211 60.03 16.90 -10.37
N GLY F 212 59.42 16.92 -9.20
CA GLY F 212 60.11 17.31 -7.98
C GLY F 212 59.72 18.66 -7.46
N GLU F 213 59.21 19.54 -8.29
CA GLU F 213 58.80 20.83 -7.80
C GLU F 213 57.45 20.70 -7.15
C1 EDO G . -12.23 15.57 11.47
O1 EDO G . -13.02 14.69 12.27
C2 EDO G . -12.76 16.98 11.60
O2 EDO G . -12.14 17.85 10.66
C1 EDO H . -13.84 6.15 3.41
O1 EDO H . -12.79 6.95 3.97
C2 EDO H . -13.84 6.33 1.89
O2 EDO H . -14.68 5.34 1.28
C1 EDO I . 47.51 1.82 -20.51
O1 EDO I . 47.40 0.39 -20.54
C2 EDO I . 47.63 2.30 -19.07
O2 EDO I . 48.98 2.18 -18.60
#